data_7A91
#
_entry.id   7A91
#
_cell.length_a   1.00
_cell.length_b   1.00
_cell.length_c   1.00
_cell.angle_alpha   90.00
_cell.angle_beta   90.00
_cell.angle_gamma   90.00
#
_symmetry.space_group_name_H-M   'P 1'
#
loop_
_entity.id
_entity.type
_entity.pdbx_description
1 polymer 'Angiotensin-converting enzyme 2'
2 polymer 'Spike glycoprotein'
3 branched 2-acetamido-2-deoxy-beta-D-glucopyranose-(1-4)-2-acetamido-2-deoxy-beta-D-glucopyranose
4 non-polymer 2-acetamido-2-deoxy-beta-D-glucopyranose
5 non-polymer 'ZINC ION'
#
loop_
_entity_poly.entity_id
_entity_poly.type
_entity_poly.pdbx_seq_one_letter_code
_entity_poly.pdbx_strand_id
1 'polypeptide(L)'
;METDTLLLWVLLLWVPGSTGSTIEEQAKTFLDKFNHEAEDLFYQSSLASWNYNTNITEENVQNMNNAGDKWSAFLKEQST
LAQMYPLQEIQNLTVKLQLQALQQNGSSVLSEDKSKRLNTILNTMSTIYSTGKVCNPDNPQECLLLEPGLNEIMANSLDY
NERLWAWESWRSEVGKQLRPLYEEYVVLKNEMARANHYEDYGDYWRGDYEVNGVDGYDYSRGQLIEDVEHTFEEIKPLYE
HLHAYVRAKLMNAYPSYISPIGCLPAHLLGDMWGRFWTNLYSLTVPFGQKPNIDVTDAMVDQAWDAQRIFKEAEKFFVSV
GLPNMTQGFWENSMLTDPGNVQKAVCHPTAWDLGKGDFRILMCTKVTMDDFLTAHHEMGHIQYDMAYAAQPFLLRNGANE
GFHEAVGEIMSLSAATPKHLKSIGLLSPDFQEDNETEINFLLKQALTIVGTLPFTYMLEKWRWMVFKGEIPKDQWMKKWW
EMKREIVGVVEPVPHDETYCDPASLFHVSNDYSFIRYYTRTLYQFQFQEALCQAAKHEGPLHKCDISNSTEAGQKLFNML
RLGKSEPWTLALENVVGAKNMNVRPLLNYFEPLFTWLKDQNKNSFVGWSTDWSPYADDYKDDDDKWSHPQFEKGGGSGGG
SGGSSAWSHPQFEK
;
D
2 'polypeptide(L)'
;MGILPSPGMPALLSLVSLLSVLLMGCVAETGMFVFLVLLPLVSSQCVNLTTRTQLPPAYTNSFTRGVYYPDKVFRSSVLH
STQDLFLPFFSNVTWFHAIHVSGTNGTKRFDNPVLPFNDGVYFASTEKSNIIRGWIFGTTLDSKTQSLLIVNNATNVVIK
VCEFQFCNDPFLGVYYHKNNKSWMESEFRVYSSANNCTFEYVSQPFLMDLEGKQGNFKNLREFVFKNIDGYFKIYSKHTP
INLVRDLPQGFSALEPLVDLPIGINITRFQTLLALHRSYLTPGDSSSGWTAGAAAYYVGYLQPRTFLLKYNENGTITDAV
DCALDPLSETKCTLKSFTVEKGIYQTSNFRVQPTESIVRFPNITNLCPFGEVFNATRFASVYAWNRKRISNCVADYSVLY
NSASFSTFKCYGVSPTKLNDLCFTNVYADSFVIRGDEVRQIAPGQTGKIADYNYKLPDDFTGCVIAWNSNNLDSKVGGNY
NYLYRLFRKSNLKPFERDISTEIYQAGSTPCNGVEGFNCYFPLQSYGFQPTNGVGYQPYRVVVLSFELLHAPATVCGPKK
STNLVKNKCVNFNFNGLTGTGVLTESNKKFLPFQQFGRDIADTTDAVRDPQTLEILDITPCSFGGVSVITPGTNTSNQVA
VLYQDVNCTEVPVAIHADQLTPTWRVYSTGSNVFQTRAGCLIGAEHVNNSYECDIPIGAGICASYQTQTNSPRRAR
;
A
#
loop_
_chem_comp.id
_chem_comp.type
_chem_comp.name
_chem_comp.formula
NAG D-saccharide, beta linking 2-acetamido-2-deoxy-beta-D-glucopyranose 'C8 H15 N O6'
ZN non-polymer 'ZINC ION' 'Zn 2'
#
# COMPACT_ATOMS: atom_id res chain seq x y z
N SER A 21 -32.36 -8.95 -10.68
CA SER A 21 -32.84 -9.28 -9.36
C SER A 21 -32.64 -8.11 -8.40
N THR A 22 -32.34 -8.43 -7.15
CA THR A 22 -32.16 -7.39 -6.14
C THR A 22 -30.97 -6.51 -6.49
N ILE A 23 -31.04 -5.25 -6.06
CA ILE A 23 -30.00 -4.30 -6.43
C ILE A 23 -28.65 -4.69 -5.84
N GLU A 24 -28.65 -5.23 -4.62
CA GLU A 24 -27.40 -5.63 -4.00
C GLU A 24 -26.72 -6.76 -4.76
N GLU A 25 -27.50 -7.73 -5.23
CA GLU A 25 -26.92 -8.85 -5.96
C GLU A 25 -26.49 -8.47 -7.37
N GLN A 26 -27.17 -7.50 -7.98
CA GLN A 26 -26.75 -6.99 -9.29
C GLN A 26 -25.55 -6.06 -9.16
N ALA A 27 -25.39 -5.43 -7.99
CA ALA A 27 -24.25 -4.56 -7.75
C ALA A 27 -23.00 -5.37 -7.51
N LYS A 28 -23.11 -6.48 -6.78
CA LYS A 28 -21.94 -7.31 -6.56
C LYS A 28 -21.41 -7.84 -7.89
N THR A 29 -22.31 -8.04 -8.86
CA THR A 29 -21.89 -8.45 -10.20
C THR A 29 -21.23 -7.31 -10.95
N PHE A 30 -21.77 -6.10 -10.82
CA PHE A 30 -21.14 -4.98 -11.51
C PHE A 30 -19.73 -4.75 -10.99
N LEU A 31 -19.54 -4.85 -9.68
CA LEU A 31 -18.21 -4.63 -9.13
C LEU A 31 -17.25 -5.76 -9.47
N ASP A 32 -17.75 -7.00 -9.57
CA ASP A 32 -16.90 -8.09 -10.05
C ASP A 32 -16.42 -7.81 -11.47
N LYS A 33 -17.31 -7.29 -12.32
CA LYS A 33 -16.88 -6.93 -13.66
C LYS A 33 -15.93 -5.72 -13.67
N PHE A 34 -16.08 -4.81 -12.70
CA PHE A 34 -15.27 -3.59 -12.70
C PHE A 34 -13.82 -3.86 -12.30
N ASN A 35 -13.62 -4.56 -11.18
CA ASN A 35 -12.29 -4.67 -10.61
C ASN A 35 -11.30 -5.29 -11.60
N HIS A 36 -11.78 -6.17 -12.47
CA HIS A 36 -10.88 -6.87 -13.39
CA HIS A 36 -10.86 -6.86 -13.38
C HIS A 36 -10.34 -5.95 -14.48
N GLU A 37 -11.19 -5.07 -15.02
CA GLU A 37 -10.70 -4.10 -15.98
C GLU A 37 -9.79 -3.08 -15.29
N ALA A 38 -10.19 -2.67 -14.09
CA ALA A 38 -9.50 -1.58 -13.41
C ALA A 38 -8.09 -1.96 -13.03
N GLU A 39 -7.89 -3.17 -12.49
CA GLU A 39 -6.54 -3.57 -12.07
C GLU A 39 -5.56 -3.46 -13.22
N ASP A 40 -5.98 -3.88 -14.42
CA ASP A 40 -5.05 -3.92 -15.53
C ASP A 40 -4.82 -2.53 -16.12
N LEU A 41 -5.84 -1.67 -16.15
CA LEU A 41 -5.57 -0.33 -16.67
C LEU A 41 -4.74 0.48 -15.69
N PHE A 42 -4.92 0.26 -14.38
CA PHE A 42 -4.12 0.96 -13.40
C PHE A 42 -2.66 0.52 -13.50
N TYR A 43 -2.41 -0.79 -13.61
CA TYR A 43 -1.01 -1.21 -13.71
C TYR A 43 -0.37 -0.72 -15.00
N GLN A 44 -1.14 -0.72 -16.09
CA GLN A 44 -0.60 -0.21 -17.36
C GLN A 44 -0.27 1.27 -17.27
N SER A 45 -0.97 2.01 -16.40
CA SER A 45 -0.63 3.43 -16.24
C SER A 45 0.56 3.63 -15.30
N SER A 46 0.64 2.83 -14.23
CA SER A 46 1.74 2.97 -13.29
C SER A 46 3.07 2.61 -13.93
N LEU A 47 3.10 1.58 -14.78
CA LEU A 47 4.35 1.24 -15.44
C LEU A 47 4.81 2.35 -16.36
N ALA A 48 3.88 2.98 -17.07
CA ALA A 48 4.26 4.06 -17.98
C ALA A 48 4.68 5.31 -17.22
N SER A 49 4.18 5.50 -15.99
CA SER A 49 4.66 6.63 -15.20
C SER A 49 6.05 6.35 -14.62
N TRP A 50 6.31 5.11 -14.20
CA TRP A 50 7.64 4.77 -13.71
C TRP A 50 8.67 4.90 -14.80
N ASN A 51 8.31 4.51 -16.03
CA ASN A 51 9.29 4.55 -17.12
C ASN A 51 9.78 5.98 -17.36
N TYR A 52 8.88 6.97 -17.25
CA TYR A 52 9.33 8.35 -17.40
C TYR A 52 10.03 8.87 -16.16
N ASN A 53 9.62 8.44 -14.96
CA ASN A 53 10.28 8.94 -13.76
C ASN A 53 11.71 8.41 -13.62
N THR A 54 12.05 7.31 -14.29
CA THR A 54 13.42 6.80 -14.22
C THR A 54 14.24 7.15 -15.46
N ASN A 55 13.58 7.46 -16.57
CA ASN A 55 14.22 7.86 -17.83
C ASN A 55 13.59 9.19 -18.26
N ILE A 56 14.17 10.30 -17.82
CA ILE A 56 13.59 11.61 -18.12
C ILE A 56 14.03 12.03 -19.51
N THR A 57 13.45 11.40 -20.54
CA THR A 57 13.84 11.68 -21.91
C THR A 57 12.61 12.03 -22.74
N GLU A 58 12.77 12.06 -24.05
CA GLU A 58 11.67 12.34 -24.96
C GLU A 58 10.91 11.07 -25.30
N GLU A 59 9.71 11.27 -25.85
CA GLU A 59 8.78 10.21 -26.25
C GLU A 59 8.15 9.54 -25.04
N ASN A 60 8.77 9.69 -23.86
CA ASN A 60 8.22 9.04 -22.68
C ASN A 60 7.07 9.86 -22.12
N VAL A 61 7.10 11.17 -22.36
CA VAL A 61 6.03 12.05 -21.91
C VAL A 61 4.73 11.69 -22.63
N GLN A 62 4.82 11.39 -23.93
CA GLN A 62 3.63 11.02 -24.69
C GLN A 62 3.00 9.74 -24.16
N ASN A 63 3.82 8.72 -23.86
CA ASN A 63 3.28 7.50 -23.29
C ASN A 63 2.70 7.75 -21.89
N MET A 64 3.33 8.65 -21.13
CA MET A 64 2.76 9.02 -19.83
C MET A 64 1.38 9.62 -19.99
N ASN A 65 1.22 10.52 -20.97
CA ASN A 65 -0.07 11.19 -21.14
C ASN A 65 -1.12 10.25 -21.71
N ASN A 66 -0.71 9.33 -22.59
CA ASN A 66 -1.68 8.41 -23.17
C ASN A 66 -2.18 7.41 -22.12
N ALA A 67 -1.27 6.86 -21.32
CA ALA A 67 -1.68 5.93 -20.28
C ALA A 67 -2.42 6.64 -19.16
N GLY A 68 -2.18 7.94 -18.96
CA GLY A 68 -3.01 8.66 -18.02
C GLY A 68 -4.31 9.19 -18.58
N ASP A 69 -4.47 9.12 -19.90
CA ASP A 69 -5.72 9.52 -20.54
C ASP A 69 -6.71 8.36 -20.66
N LYS A 70 -6.22 7.17 -21.02
CA LYS A 70 -7.12 6.03 -21.14
C LYS A 70 -7.71 5.67 -19.78
N TRP A 71 -6.90 5.73 -18.72
CA TRP A 71 -7.41 5.50 -17.37
C TRP A 71 -8.48 6.51 -17.01
N SER A 72 -8.26 7.79 -17.33
CA SER A 72 -9.22 8.81 -16.94
C SER A 72 -10.54 8.67 -17.70
N ALA A 73 -10.47 8.32 -18.98
CA ALA A 73 -11.72 8.17 -19.74
C ALA A 73 -12.47 6.91 -19.33
N PHE A 74 -11.73 5.84 -19.01
CA PHE A 74 -12.39 4.62 -18.56
C PHE A 74 -13.03 4.83 -17.20
N LEU A 75 -12.36 5.54 -16.30
CA LEU A 75 -12.95 5.78 -14.99
C LEU A 75 -14.12 6.73 -15.07
N LYS A 76 -14.10 7.67 -16.03
CA LYS A 76 -15.23 8.58 -16.18
C LYS A 76 -16.46 7.83 -16.67
N GLU A 77 -16.29 6.94 -17.65
CA GLU A 77 -17.46 6.22 -18.16
C GLU A 77 -17.95 5.21 -17.14
N GLN A 78 -17.04 4.52 -16.46
CA GLN A 78 -17.47 3.55 -15.46
C GLN A 78 -18.16 4.24 -14.28
N SER A 79 -17.81 5.50 -14.01
CA SER A 79 -18.50 6.23 -12.97
C SER A 79 -19.87 6.69 -13.44
N THR A 80 -20.01 7.03 -14.73
CA THR A 80 -21.34 7.32 -15.25
C THR A 80 -22.24 6.10 -15.15
N LEU A 81 -21.67 4.91 -15.39
CA LEU A 81 -22.45 3.69 -15.27
C LEU A 81 -22.87 3.43 -13.83
N ALA A 82 -21.99 3.73 -12.87
CA ALA A 82 -22.26 3.38 -11.47
C ALA A 82 -23.53 4.00 -10.93
N GLN A 83 -23.93 5.18 -11.44
CA GLN A 83 -25.06 5.90 -10.88
C GLN A 83 -26.36 5.09 -10.90
N MET A 84 -26.58 4.32 -11.96
CA MET A 84 -27.86 3.62 -12.17
C MET A 84 -28.27 2.68 -11.04
N TYR A 85 -27.41 2.45 -10.05
CA TYR A 85 -27.84 1.64 -8.90
C TYR A 85 -28.13 2.55 -7.72
N PRO A 86 -29.40 2.70 -7.30
CA PRO A 86 -29.69 3.52 -6.13
C PRO A 86 -29.01 2.97 -4.90
N LEU A 87 -28.55 3.86 -4.04
CA LEU A 87 -27.67 3.51 -2.94
C LEU A 87 -28.43 3.20 -1.66
N GLN A 88 -29.75 3.35 -1.66
CA GLN A 88 -30.54 3.05 -0.47
C GLN A 88 -30.77 1.56 -0.28
N GLU A 89 -30.93 0.81 -1.38
CA GLU A 89 -31.24 -0.61 -1.28
C GLU A 89 -30.05 -1.41 -0.76
N ILE A 90 -28.84 -0.99 -1.08
CA ILE A 90 -27.64 -1.75 -0.74
C ILE A 90 -27.41 -1.68 0.76
N GLN A 91 -27.37 -2.84 1.42
CA GLN A 91 -27.21 -2.91 2.86
C GLN A 91 -25.94 -3.63 3.32
N ASN A 92 -25.11 -4.11 2.40
CA ASN A 92 -23.96 -4.92 2.79
C ASN A 92 -22.99 -4.12 3.67
N LEU A 93 -22.74 -2.86 3.32
CA LEU A 93 -21.83 -1.88 3.94
C LEU A 93 -20.41 -2.00 3.41
N THR A 94 -20.11 -2.97 2.54
CA THR A 94 -18.85 -3.01 1.82
C THR A 94 -19.05 -2.57 0.38
N VAL A 95 -20.05 -3.15 -0.28
CA VAL A 95 -20.47 -2.67 -1.59
C VAL A 95 -20.98 -1.25 -1.45
N LYS A 96 -21.48 -0.90 -0.26
CA LYS A 96 -21.88 0.48 0.00
C LYS A 96 -20.67 1.40 -0.12
N LEU A 97 -19.51 0.95 0.37
CA LEU A 97 -18.35 1.82 0.36
C LEU A 97 -17.76 1.91 -1.03
N GLN A 98 -17.70 0.79 -1.75
CA GLN A 98 -17.21 0.86 -3.13
C GLN A 98 -18.10 1.76 -3.99
N LEU A 99 -19.42 1.61 -3.89
CA LEU A 99 -20.29 2.44 -4.69
C LEU A 99 -20.28 3.89 -4.25
N GLN A 100 -20.07 4.17 -2.96
CA GLN A 100 -19.88 5.55 -2.53
C GLN A 100 -18.63 6.14 -3.16
N ALA A 101 -17.53 5.39 -3.14
CA ALA A 101 -16.28 5.89 -3.69
C ALA A 101 -16.30 5.97 -5.20
N LEU A 102 -17.31 5.39 -5.83
CA LEU A 102 -17.42 5.42 -7.29
C LEU A 102 -18.46 6.41 -7.81
N GLN A 103 -19.57 6.60 -7.10
CA GLN A 103 -20.68 7.43 -7.52
C GLN A 103 -20.46 8.92 -7.33
N GLN A 104 -19.24 9.42 -7.10
CA GLN A 104 -19.06 10.85 -6.84
C GLN A 104 -18.92 11.59 -8.15
N ASN A 105 -19.77 12.59 -8.36
CA ASN A 105 -19.78 13.33 -9.62
C ASN A 105 -18.52 14.17 -9.79
N GLY A 106 -17.89 14.59 -8.70
CA GLY A 106 -16.70 15.41 -8.79
C GLY A 106 -17.02 16.79 -9.35
N SER A 107 -16.22 17.24 -10.31
CA SER A 107 -16.34 18.57 -10.87
C SER A 107 -17.18 18.63 -12.13
N SER A 108 -17.53 17.48 -12.71
CA SER A 108 -18.30 17.47 -13.95
C SER A 108 -19.68 18.07 -13.77
N VAL A 109 -20.17 18.17 -12.54
CA VAL A 109 -21.49 18.73 -12.29
C VAL A 109 -21.54 20.18 -12.72
N LEU A 110 -20.40 20.88 -12.70
CA LEU A 110 -20.34 22.23 -13.22
C LEU A 110 -20.61 22.23 -14.72
N SER A 111 -21.14 23.35 -15.21
CA SER A 111 -21.44 23.47 -16.61
C SER A 111 -20.15 23.41 -17.44
N GLU A 112 -20.32 23.20 -18.75
CA GLU A 112 -19.16 23.08 -19.63
C GLU A 112 -18.35 24.38 -19.67
N ASP A 113 -19.04 25.52 -19.73
CA ASP A 113 -18.34 26.79 -19.92
C ASP A 113 -17.41 27.08 -18.76
N LYS A 114 -17.90 26.92 -17.53
CA LYS A 114 -17.09 27.33 -16.38
C LYS A 114 -16.08 26.28 -15.95
N SER A 115 -16.12 25.08 -16.52
CA SER A 115 -15.11 24.08 -16.15
C SER A 115 -13.77 24.40 -16.79
N LYS A 116 -13.79 25.00 -17.97
CA LYS A 116 -12.53 25.37 -18.61
C LYS A 116 -12.01 26.68 -18.03
N ARG A 117 -12.90 27.54 -17.54
CA ARG A 117 -12.45 28.73 -16.84
C ARG A 117 -11.79 28.36 -15.52
N LEU A 118 -12.37 27.39 -14.81
CA LEU A 118 -11.78 26.93 -13.56
C LEU A 118 -10.43 26.24 -13.80
N ASN A 119 -10.34 25.39 -14.82
CA ASN A 119 -9.06 24.74 -15.05
C ASN A 119 -8.02 25.72 -15.57
N THR A 120 -8.45 26.77 -16.28
CA THR A 120 -7.53 27.84 -16.65
C THR A 120 -7.01 28.57 -15.42
N ILE A 121 -7.91 28.83 -14.45
CA ILE A 121 -7.48 29.49 -13.22
C ILE A 121 -6.45 28.63 -12.49
N LEU A 122 -6.73 27.34 -12.35
CA LEU A 122 -5.77 26.46 -11.68
C LEU A 122 -4.42 26.48 -12.38
N ASN A 123 -4.43 26.37 -13.72
CA ASN A 123 -3.17 26.36 -14.45
C ASN A 123 -2.42 27.67 -14.25
N THR A 124 -3.12 28.80 -14.33
CA THR A 124 -2.45 30.08 -14.17
C THR A 124 -1.86 30.22 -12.77
N MET A 125 -2.58 29.77 -11.74
CA MET A 125 -2.05 29.88 -10.38
C MET A 125 -0.77 29.05 -10.23
N SER A 126 -0.80 27.81 -10.71
CA SER A 126 0.39 26.99 -10.60
C SER A 126 1.56 27.60 -11.37
N THR A 127 1.29 28.15 -12.55
CA THR A 127 2.35 28.78 -13.33
C THR A 127 2.89 30.02 -12.64
N ILE A 128 2.00 30.88 -12.12
CA ILE A 128 2.41 32.13 -11.48
C ILE A 128 3.20 31.86 -10.21
N TYR A 129 2.98 30.71 -9.57
CA TYR A 129 3.80 30.44 -8.40
C TYR A 129 5.11 29.76 -8.79
N SER A 130 5.08 28.82 -9.73
CA SER A 130 6.28 28.08 -10.06
C SER A 130 7.38 28.98 -10.61
N THR A 131 7.02 29.92 -11.49
CA THR A 131 7.98 30.82 -12.12
C THR A 131 7.79 32.22 -11.53
N GLY A 132 8.45 32.47 -10.39
CA GLY A 132 8.41 33.79 -9.79
C GLY A 132 9.73 34.51 -9.96
N LYS A 133 9.68 35.69 -10.57
CA LYS A 133 10.89 36.47 -10.90
C LYS A 133 11.01 37.64 -9.94
N VAL A 134 11.92 37.52 -8.99
CA VAL A 134 12.27 38.61 -8.08
C VAL A 134 13.60 39.19 -8.54
N CYS A 135 13.63 40.50 -8.78
CA CYS A 135 14.83 41.14 -9.31
C CYS A 135 15.17 42.38 -8.49
N CYS A 143 18.07 38.81 -11.36
CA CYS A 143 16.74 38.27 -11.10
C CYS A 143 16.84 36.93 -10.36
N LEU A 144 16.06 36.78 -9.30
CA LEU A 144 16.11 35.63 -8.43
C LEU A 144 14.78 34.88 -8.47
N LEU A 145 14.85 33.56 -8.60
CA LEU A 145 13.67 32.72 -8.52
C LEU A 145 13.52 32.25 -7.08
N LEU A 146 12.67 31.25 -6.84
CA LEU A 146 12.47 30.81 -5.47
C LEU A 146 13.50 29.77 -5.05
N GLU A 147 13.67 28.71 -5.83
CA GLU A 147 14.56 27.62 -5.49
C GLU A 147 15.76 27.62 -6.41
N PRO A 148 16.98 27.81 -5.91
CA PRO A 148 17.27 28.17 -4.51
C PRO A 148 17.65 29.64 -4.34
N GLY A 149 16.91 30.54 -4.96
CA GLY A 149 17.24 31.94 -4.90
C GLY A 149 16.86 32.61 -3.58
N LEU A 150 15.56 32.67 -3.30
CA LEU A 150 15.08 33.31 -2.08
C LEU A 150 15.15 32.37 -0.87
N ASN A 151 15.11 31.06 -1.11
CA ASN A 151 15.11 30.10 -0.01
C ASN A 151 16.42 30.16 0.77
N GLU A 152 17.54 30.31 0.06
CA GLU A 152 18.84 30.31 0.71
C GLU A 152 19.06 31.60 1.48
N ILE A 153 18.59 32.73 0.93
CA ILE A 153 18.64 33.99 1.66
C ILE A 153 17.83 33.90 2.94
N MET A 154 16.62 33.34 2.85
CA MET A 154 15.76 33.30 4.04
C MET A 154 16.25 32.30 5.06
N ALA A 155 16.93 31.23 4.64
CA ALA A 155 17.28 30.17 5.58
C ALA A 155 18.61 30.40 6.28
N ASN A 156 19.49 31.27 5.77
CA ASN A 156 20.79 31.39 6.40
C ASN A 156 21.40 32.80 6.39
N SER A 157 20.69 33.84 5.95
CA SER A 157 21.31 35.15 5.84
C SER A 157 21.76 35.68 7.19
N LEU A 158 20.88 35.60 8.19
CA LEU A 158 21.15 36.12 9.53
C LEU A 158 21.56 37.60 9.46
N ASP A 159 20.90 38.35 8.58
CA ASP A 159 21.02 39.80 8.51
C ASP A 159 19.59 40.34 8.54
N TYR A 160 19.34 41.35 9.38
CA TYR A 160 17.96 41.79 9.60
C TYR A 160 17.31 42.34 8.34
N ASN A 161 18.04 43.12 7.54
CA ASN A 161 17.40 43.79 6.41
C ASN A 161 17.44 42.99 5.11
N GLU A 162 18.49 42.19 4.91
CA GLU A 162 18.54 41.37 3.71
C GLU A 162 17.38 40.40 3.67
N ARG A 163 17.07 39.78 4.80
CA ARG A 163 15.95 38.86 4.84
C ARG A 163 14.62 39.58 4.82
N LEU A 164 14.60 40.88 5.14
CA LEU A 164 13.36 41.63 5.00
C LEU A 164 13.08 41.94 3.55
N TRP A 165 14.11 42.28 2.79
CA TRP A 165 13.92 42.44 1.35
C TRP A 165 13.49 41.12 0.72
N ALA A 166 14.17 40.02 1.10
CA ALA A 166 13.84 38.73 0.51
C ALA A 166 12.46 38.23 0.92
N TRP A 167 11.89 38.77 1.99
CA TRP A 167 10.53 38.41 2.39
C TRP A 167 9.50 39.28 1.67
N GLU A 168 9.70 40.60 1.74
CA GLU A 168 8.74 41.54 1.17
C GLU A 168 8.63 41.39 -0.34
N SER A 169 9.74 41.14 -1.03
CA SER A 169 9.68 41.00 -2.48
C SER A 169 8.72 39.90 -2.88
N TRP A 170 8.85 38.71 -2.27
CA TRP A 170 7.94 37.62 -2.58
C TRP A 170 6.51 37.97 -2.21
N ARG A 171 6.30 38.52 -1.01
CA ARG A 171 4.94 38.86 -0.59
C ARG A 171 4.33 39.98 -1.42
N SER A 172 5.15 40.69 -2.20
CA SER A 172 4.68 41.82 -2.98
C SER A 172 4.62 41.53 -4.47
N GLU A 173 5.17 40.40 -4.92
CA GLU A 173 5.04 40.00 -6.31
C GLU A 173 4.21 38.74 -6.48
N VAL A 174 4.60 37.63 -5.85
CA VAL A 174 3.85 36.40 -6.09
C VAL A 174 2.49 36.47 -5.41
N GLY A 175 2.40 37.14 -4.27
CA GLY A 175 1.12 37.35 -3.62
C GLY A 175 0.28 38.42 -4.25
N LYS A 176 0.90 39.33 -5.01
CA LYS A 176 0.13 40.38 -5.67
C LYS A 176 -0.47 39.89 -6.97
N GLN A 177 0.24 39.02 -7.70
CA GLN A 177 -0.32 38.54 -8.96
C GLN A 177 -1.43 37.51 -8.77
N LEU A 178 -1.58 36.94 -7.58
CA LEU A 178 -2.62 35.93 -7.31
C LEU A 178 -3.86 36.49 -6.64
N ARG A 179 -3.93 37.79 -6.36
CA ARG A 179 -5.09 38.31 -5.64
C ARG A 179 -6.39 38.16 -6.43
N PRO A 180 -6.54 38.75 -7.63
CA PRO A 180 -7.85 38.66 -8.31
C PRO A 180 -8.28 37.24 -8.61
N LEU A 181 -7.34 36.34 -8.87
CA LEU A 181 -7.70 34.99 -9.30
C LEU A 181 -8.31 34.18 -8.17
N TYR A 182 -7.74 34.27 -6.97
CA TYR A 182 -8.24 33.48 -5.86
C TYR A 182 -9.67 33.85 -5.50
N GLU A 183 -10.10 35.07 -5.83
CA GLU A 183 -11.48 35.47 -5.60
C GLU A 183 -12.45 34.74 -6.51
N GLU A 184 -12.02 34.36 -7.71
CA GLU A 184 -12.85 33.57 -8.61
C GLU A 184 -12.74 32.08 -8.33
N TYR A 185 -11.54 31.64 -7.93
CA TYR A 185 -11.35 30.25 -7.52
C TYR A 185 -12.24 29.91 -6.33
N VAL A 186 -12.43 30.86 -5.41
CA VAL A 186 -13.25 30.60 -4.25
C VAL A 186 -14.70 30.39 -4.66
N VAL A 187 -15.24 31.27 -5.50
CA VAL A 187 -16.66 31.20 -5.82
C VAL A 187 -16.98 30.01 -6.71
N LEU A 188 -16.10 29.71 -7.68
CA LEU A 188 -16.34 28.53 -8.52
C LEU A 188 -16.28 27.25 -7.70
N LYS A 189 -15.24 27.09 -6.87
CA LYS A 189 -15.16 25.87 -6.09
C LYS A 189 -16.30 25.79 -5.09
N ASN A 190 -16.80 26.94 -4.63
CA ASN A 190 -17.92 26.94 -3.70
C ASN A 190 -19.19 26.45 -4.39
N GLU A 191 -19.42 26.88 -5.63
CA GLU A 191 -20.63 26.42 -6.31
C GLU A 191 -20.53 24.95 -6.70
N MET A 192 -19.33 24.50 -7.04
CA MET A 192 -19.14 23.08 -7.34
C MET A 192 -19.42 22.23 -6.11
N ALA A 193 -18.97 22.70 -4.93
CA ALA A 193 -19.24 21.92 -3.72
C ALA A 193 -20.69 22.04 -3.29
N ARG A 194 -21.36 23.14 -3.62
CA ARG A 194 -22.77 23.26 -3.26
C ARG A 194 -23.64 22.37 -4.13
N ALA A 195 -23.20 22.11 -5.36
CA ALA A 195 -24.00 21.25 -6.24
C ALA A 195 -23.96 19.78 -5.79
N ASN A 196 -22.86 19.34 -5.19
CA ASN A 196 -22.71 17.95 -4.76
C ASN A 196 -23.31 17.67 -3.39
N HIS A 197 -24.26 18.50 -2.93
CA HIS A 197 -25.06 18.35 -1.71
C HIS A 197 -24.28 18.73 -0.45
N TYR A 198 -23.04 19.19 -0.57
CA TYR A 198 -22.32 19.76 0.56
C TYR A 198 -22.70 21.23 0.74
N GLU A 199 -22.28 21.78 1.87
CA GLU A 199 -22.57 23.19 2.16
C GLU A 199 -21.59 24.12 1.47
N ASP A 200 -20.30 23.86 1.62
CA ASP A 200 -19.25 24.68 1.01
C ASP A 200 -18.06 23.79 0.71
N TYR A 201 -17.08 24.35 -0.01
CA TYR A 201 -15.88 23.58 -0.33
C TYR A 201 -15.12 23.16 0.92
N GLY A 202 -15.25 23.93 2.01
CA GLY A 202 -14.67 23.51 3.26
C GLY A 202 -15.28 22.22 3.77
N ASP A 203 -16.58 22.04 3.55
CA ASP A 203 -17.22 20.80 3.99
C ASP A 203 -16.80 19.64 3.10
N TYR A 204 -16.64 19.90 1.81
CA TYR A 204 -16.21 18.86 0.89
C TYR A 204 -14.82 18.36 1.28
N TRP A 205 -13.92 19.27 1.65
CA TRP A 205 -12.62 18.88 2.19
C TRP A 205 -12.76 18.12 3.50
N ARG A 206 -13.62 18.60 4.40
CA ARG A 206 -13.75 18.00 5.71
C ARG A 206 -14.36 16.61 5.66
N GLY A 207 -15.02 16.26 4.56
CA GLY A 207 -15.78 15.05 4.47
C GLY A 207 -15.00 13.76 4.47
N ASP A 208 -13.67 13.81 4.50
CA ASP A 208 -12.90 12.58 4.55
C ASP A 208 -13.06 11.91 5.91
N TYR A 209 -13.03 12.69 6.99
CA TYR A 209 -13.21 12.13 8.33
C TYR A 209 -14.71 12.06 8.65
N GLU A 210 -15.39 11.19 7.93
CA GLU A 210 -16.82 10.99 8.11
C GLU A 210 -17.13 9.51 8.06
N VAL A 211 -17.80 9.01 9.10
CA VAL A 211 -18.28 7.64 9.14
C VAL A 211 -19.77 7.68 9.44
N ASN A 212 -20.56 6.98 8.63
CA ASN A 212 -22.00 6.99 8.78
C ASN A 212 -22.55 5.58 8.66
N GLY A 213 -23.53 5.25 9.50
CA GLY A 213 -24.22 3.98 9.45
C GLY A 213 -23.72 2.93 10.42
N VAL A 214 -22.50 3.09 10.94
CA VAL A 214 -21.96 2.14 11.91
C VAL A 214 -22.29 2.70 13.30
N ASP A 215 -23.27 2.08 13.96
CA ASP A 215 -23.76 2.61 15.23
C ASP A 215 -22.65 2.62 16.27
N GLY A 216 -22.51 3.75 16.97
CA GLY A 216 -21.52 3.92 18.00
C GLY A 216 -20.19 4.44 17.51
N TYR A 217 -19.93 4.38 16.20
CA TYR A 217 -18.67 4.84 15.61
C TYR A 217 -18.86 6.03 14.69
N ASP A 218 -20.03 6.66 14.69
CA ASP A 218 -20.30 7.72 13.72
C ASP A 218 -19.42 8.93 13.97
N TYR A 219 -19.22 9.71 12.91
CA TYR A 219 -18.40 10.91 12.97
C TYR A 219 -19.00 11.93 12.02
N SER A 220 -19.12 13.17 12.48
CA SER A 220 -19.74 14.20 11.67
C SER A 220 -18.69 14.97 10.89
N ARG A 221 -19.15 15.81 9.97
CA ARG A 221 -18.31 16.83 9.36
C ARG A 221 -18.30 18.13 10.14
N GLY A 222 -19.12 18.22 11.20
CA GLY A 222 -19.08 19.35 12.10
C GLY A 222 -18.29 18.95 13.32
N GLN A 223 -18.00 17.65 13.42
CA GLN A 223 -17.21 17.15 14.53
C GLN A 223 -15.73 17.44 14.37
N LEU A 224 -15.25 17.55 13.13
CA LEU A 224 -13.83 17.85 12.92
C LEU A 224 -13.44 19.23 13.43
N ILE A 225 -14.27 20.25 13.22
CA ILE A 225 -13.95 21.56 13.79
C ILE A 225 -13.76 21.43 15.29
N GLU A 226 -14.69 20.76 15.97
CA GLU A 226 -14.43 20.39 17.34
C GLU A 226 -13.34 19.33 17.37
N ASP A 227 -12.76 19.11 18.55
CA ASP A 227 -11.64 18.19 18.75
C ASP A 227 -10.38 18.80 18.16
N VAL A 228 -10.48 19.53 17.04
CA VAL A 228 -9.33 20.25 16.55
C VAL A 228 -9.06 21.45 17.44
N GLU A 229 -10.08 21.91 18.17
CA GLU A 229 -9.98 23.02 19.10
C GLU A 229 -9.75 22.56 20.53
N HIS A 230 -10.38 21.46 20.95
CA HIS A 230 -10.14 20.92 22.28
C HIS A 230 -8.88 20.08 22.36
N THR A 231 -8.11 19.99 21.28
CA THR A 231 -6.78 19.40 21.31
C THR A 231 -5.70 20.46 21.23
N PHE A 232 -5.95 21.54 20.50
CA PHE A 232 -4.98 22.63 20.48
C PHE A 232 -5.05 23.43 21.77
N GLU A 233 -6.24 23.65 22.33
CA GLU A 233 -6.26 24.39 23.58
C GLU A 233 -5.65 23.59 24.72
N GLU A 234 -5.22 22.36 24.47
CA GLU A 234 -4.56 21.54 25.47
C GLU A 234 -3.05 21.48 25.29
N ILE A 235 -2.54 21.89 24.13
CA ILE A 235 -1.11 21.93 23.85
C ILE A 235 -0.56 23.35 23.96
N LYS A 236 -1.41 24.32 24.22
CA LYS A 236 -0.97 25.71 24.26
C LYS A 236 0.15 26.01 25.26
N PRO A 237 0.16 25.48 26.49
CA PRO A 237 1.25 25.85 27.42
C PRO A 237 2.65 25.51 26.92
N LEU A 238 2.83 24.35 26.29
CA LEU A 238 4.17 23.99 25.82
C LEU A 238 4.60 24.94 24.72
N TYR A 239 3.66 25.35 23.87
CA TYR A 239 4.00 26.31 22.82
C TYR A 239 4.30 27.68 23.40
N GLU A 240 3.61 28.09 24.47
CA GLU A 240 3.93 29.41 25.02
C GLU A 240 5.31 29.41 25.66
N HIS A 241 5.74 28.28 26.23
CA HIS A 241 7.06 28.25 26.85
C HIS A 241 8.16 28.09 25.80
N LEU A 242 7.86 27.38 24.72
CA LEU A 242 8.81 27.28 23.62
C LEU A 242 8.94 28.60 22.90
N HIS A 243 7.85 29.35 22.80
CA HIS A 243 7.91 30.66 22.15
C HIS A 243 8.73 31.62 22.98
N ALA A 244 8.50 31.66 24.30
CA ALA A 244 9.25 32.62 25.09
C ALA A 244 10.72 32.26 25.17
N TYR A 245 11.06 30.97 25.08
CA TYR A 245 12.47 30.62 25.04
C TYR A 245 13.10 30.99 23.72
N VAL A 246 12.39 30.78 22.61
CA VAL A 246 12.95 31.14 21.31
C VAL A 246 13.11 32.65 21.18
N ARG A 247 12.12 33.42 21.60
CA ARG A 247 12.24 34.87 21.56
C ARG A 247 13.39 35.34 22.44
N ALA A 248 13.49 34.80 23.67
CA ALA A 248 14.54 35.24 24.59
C ALA A 248 15.92 34.83 24.12
N LYS A 249 16.02 33.83 23.25
CA LYS A 249 17.31 33.48 22.67
C LYS A 249 17.56 34.20 21.36
N LEU A 250 16.50 34.73 20.74
CA LEU A 250 16.59 35.51 19.51
C LEU A 250 16.84 36.98 19.78
N MET A 251 16.65 37.41 21.02
CA MET A 251 16.92 38.81 21.35
C MET A 251 18.40 39.11 21.30
N ASN A 252 19.25 38.09 21.54
CA ASN A 252 20.69 38.29 21.55
C ASN A 252 21.25 38.51 20.16
N ALA A 253 20.72 37.81 19.16
CA ALA A 253 21.26 37.88 17.81
C ALA A 253 20.95 39.22 17.14
N TYR A 254 19.66 39.52 16.97
CA TYR A 254 19.22 40.80 16.42
C TYR A 254 19.01 41.76 17.59
N PRO A 255 19.96 42.67 17.84
CA PRO A 255 20.08 43.28 19.17
C PRO A 255 18.86 44.02 19.69
N SER A 256 18.42 45.06 18.97
CA SER A 256 17.38 45.96 19.48
C SER A 256 16.16 46.01 18.57
N TYR A 257 15.86 44.92 17.87
CA TYR A 257 14.70 44.85 17.01
C TYR A 257 13.52 44.09 17.62
N ILE A 258 13.77 43.14 18.51
CA ILE A 258 12.73 42.40 19.20
C ILE A 258 12.57 42.97 20.60
N SER A 259 11.32 43.00 21.09
CA SER A 259 11.00 43.48 22.42
C SER A 259 10.47 42.35 23.27
N PRO A 260 10.79 42.31 24.57
CA PRO A 260 10.41 41.14 25.40
C PRO A 260 8.92 40.91 25.48
N ILE A 261 8.11 41.96 25.45
CA ILE A 261 6.66 41.79 25.49
C ILE A 261 6.10 41.43 24.13
N GLY A 262 6.72 41.90 23.06
CA GLY A 262 6.16 41.76 21.73
C GLY A 262 6.39 40.41 21.09
N CYS A 263 5.77 40.22 19.94
CA CYS A 263 5.83 38.95 19.24
C CYS A 263 7.06 38.92 18.34
N LEU A 264 7.31 37.76 17.75
CA LEU A 264 8.43 37.61 16.83
C LEU A 264 8.02 38.14 15.47
N PRO A 265 8.75 39.08 14.90
CA PRO A 265 8.49 39.46 13.51
C PRO A 265 8.51 38.25 12.60
N ALA A 266 7.91 38.35 11.41
CA ALA A 266 7.68 37.15 10.62
C ALA A 266 8.89 36.72 9.81
N HIS A 267 9.88 37.59 9.62
CA HIS A 267 11.03 37.24 8.82
C HIS A 267 12.19 36.66 9.62
N LEU A 268 12.02 36.43 10.92
CA LEU A 268 13.10 35.93 11.76
C LEU A 268 12.90 34.48 12.17
N LEU A 269 11.82 33.83 11.71
CA LEU A 269 11.44 32.49 12.17
C LEU A 269 12.13 31.38 11.39
N GLY A 270 13.21 31.67 10.68
CA GLY A 270 14.01 30.65 10.05
C GLY A 270 13.42 29.99 8.83
N ASP A 271 12.44 30.61 8.19
CA ASP A 271 11.82 30.08 6.99
C ASP A 271 11.08 31.22 6.31
N MET A 272 10.88 31.08 5.00
CA MET A 272 10.17 32.13 4.26
C MET A 272 8.74 32.30 4.79
N TRP A 273 8.05 31.21 5.08
CA TRP A 273 6.67 31.31 5.57
C TRP A 273 6.59 31.15 7.07
N GLY A 274 7.73 30.98 7.74
CA GLY A 274 7.71 30.67 9.16
C GLY A 274 6.96 29.39 9.45
N ARG A 275 7.17 28.36 8.65
CA ARG A 275 6.44 27.11 8.82
C ARG A 275 7.18 26.16 9.75
N PHE A 276 8.50 26.08 9.61
CA PHE A 276 9.31 25.20 10.43
C PHE A 276 10.34 26.05 11.14
N TRP A 277 10.53 25.81 12.43
CA TRP A 277 11.53 26.53 13.18
C TRP A 277 12.88 25.83 13.22
N THR A 278 13.11 24.84 12.35
CA THR A 278 14.31 24.02 12.44
C THR A 278 15.57 24.86 12.26
N ASN A 279 15.53 25.83 11.35
CA ASN A 279 16.71 26.65 11.10
C ASN A 279 17.08 27.51 12.29
N LEU A 280 16.21 27.63 13.29
CA LEU A 280 16.53 28.33 14.51
C LEU A 280 17.41 27.51 15.44
N TYR A 281 17.71 26.26 15.11
CA TYR A 281 18.51 25.42 16.01
C TYR A 281 19.98 25.75 15.95
N SER A 282 20.43 26.52 14.95
CA SER A 282 21.83 26.93 14.92
C SER A 282 22.13 27.96 15.99
N LEU A 283 21.12 28.71 16.43
CA LEU A 283 21.24 29.69 17.50
C LEU A 283 20.80 29.13 18.85
N THR A 284 19.59 28.57 18.91
CA THR A 284 18.95 28.23 20.18
C THR A 284 19.36 26.83 20.63
N VAL A 285 20.65 26.65 20.86
CA VAL A 285 21.18 25.40 21.40
C VAL A 285 21.21 25.51 22.92
N PRO A 286 20.54 24.63 23.64
CA PRO A 286 20.62 24.68 25.10
C PRO A 286 22.03 24.43 25.60
N PHE A 287 22.62 23.28 25.23
CA PHE A 287 23.99 22.93 25.60
C PHE A 287 24.81 22.83 24.33
N GLY A 288 25.60 23.87 24.04
CA GLY A 288 26.27 23.95 22.76
C GLY A 288 27.38 22.94 22.59
N GLN A 289 28.18 22.72 23.63
CA GLN A 289 29.41 21.93 23.49
C GLN A 289 29.12 20.50 23.04
N LYS A 290 28.17 19.84 23.68
CA LYS A 290 27.92 18.44 23.35
C LYS A 290 27.38 18.32 21.94
N PRO A 291 27.91 17.42 21.11
CA PRO A 291 27.32 17.19 19.79
C PRO A 291 26.21 16.15 19.86
N ASN A 292 25.75 15.70 18.71
CA ASN A 292 24.67 14.73 18.62
C ASN A 292 25.21 13.44 18.01
N ILE A 293 24.31 12.48 17.80
CA ILE A 293 24.72 11.17 17.30
C ILE A 293 24.81 11.19 15.78
N ASP A 294 25.80 11.91 15.25
CA ASP A 294 26.08 11.90 13.82
C ASP A 294 26.92 10.66 13.53
N VAL A 295 26.37 9.72 12.77
CA VAL A 295 27.04 8.46 12.51
C VAL A 295 27.44 8.33 11.05
N THR A 296 27.58 9.46 10.34
CA THR A 296 27.98 9.39 8.94
C THR A 296 29.37 8.79 8.79
N ASP A 297 30.29 9.19 9.67
CA ASP A 297 31.65 8.68 9.61
C ASP A 297 31.70 7.19 9.95
N ALA A 298 30.82 6.71 10.82
CA ALA A 298 30.81 5.28 11.15
C ALA A 298 30.46 4.45 9.93
N MET A 299 29.48 4.89 9.14
CA MET A 299 29.13 4.16 7.92
C MET A 299 30.15 4.37 6.82
N VAL A 300 30.78 5.54 6.75
CA VAL A 300 31.83 5.74 5.76
C VAL A 300 33.03 4.85 6.05
N ASP A 301 33.38 4.69 7.33
CA ASP A 301 34.53 3.88 7.71
C ASP A 301 34.34 2.43 7.27
N GLN A 302 33.16 1.87 7.48
CA GLN A 302 32.92 0.47 7.19
C GLN A 302 32.49 0.24 5.75
N ALA A 303 32.46 1.28 4.93
CA ALA A 303 32.19 1.18 3.49
C ALA A 303 30.83 0.55 3.21
N TRP A 304 29.79 1.25 3.65
CA TRP A 304 28.43 0.86 3.30
C TRP A 304 28.16 1.25 1.85
N ASP A 305 27.67 0.31 1.06
CA ASP A 305 27.67 0.43 -0.40
C ASP A 305 26.32 0.90 -0.95
N ALA A 306 25.60 1.73 -0.20
CA ALA A 306 24.34 2.33 -0.60
C ALA A 306 23.23 1.30 -0.78
N GLN A 307 23.51 0.03 -0.54
CA GLN A 307 22.52 -1.03 -0.56
C GLN A 307 22.36 -1.70 0.78
N ARG A 308 23.42 -1.75 1.59
CA ARG A 308 23.36 -2.34 2.92
C ARG A 308 22.31 -1.65 3.79
N ILE A 309 22.09 -0.35 3.58
CA ILE A 309 21.13 0.39 4.38
C ILE A 309 19.74 -0.22 4.27
N PHE A 310 19.35 -0.59 3.05
CA PHE A 310 18.02 -1.16 2.85
C PHE A 310 17.95 -2.57 3.41
N LYS A 311 19.07 -3.30 3.39
CA LYS A 311 19.09 -4.61 4.02
C LYS A 311 18.91 -4.50 5.53
N GLU A 312 19.54 -3.50 6.15
CA GLU A 312 19.35 -3.29 7.58
C GLU A 312 17.90 -2.92 7.89
N ALA A 313 17.28 -2.11 7.02
CA ALA A 313 15.87 -1.80 7.19
C ALA A 313 15.03 -3.06 7.10
N GLU A 314 15.30 -3.90 6.10
CA GLU A 314 14.54 -5.13 5.94
C GLU A 314 14.70 -6.02 7.15
N LYS A 315 15.88 -6.02 7.78
CA LYS A 315 16.08 -6.89 8.93
C LYS A 315 15.37 -6.34 10.16
N PHE A 316 15.26 -5.02 10.28
CA PHE A 316 14.48 -4.44 11.37
C PHE A 316 13.01 -4.83 11.23
N PHE A 317 12.47 -4.71 10.02
CA PHE A 317 11.08 -5.13 9.83
C PHE A 317 10.90 -6.62 10.03
N VAL A 318 11.83 -7.44 9.53
CA VAL A 318 11.73 -8.88 9.74
C VAL A 318 11.73 -9.22 11.23
N SER A 319 12.49 -8.45 12.02
CA SER A 319 12.59 -8.75 13.43
C SER A 319 11.36 -8.31 14.21
N VAL A 320 10.74 -7.18 13.84
CA VAL A 320 9.50 -6.80 14.51
C VAL A 320 8.36 -7.77 14.19
N GLY A 321 8.51 -8.63 13.19
CA GLY A 321 7.53 -9.67 12.93
C GLY A 321 6.88 -9.68 11.56
N LEU A 322 7.01 -8.64 10.75
CA LEU A 322 6.31 -8.58 9.48
C LEU A 322 7.02 -9.40 8.40
N PRO A 323 6.34 -9.69 7.29
CA PRO A 323 6.95 -10.49 6.22
C PRO A 323 8.08 -9.79 5.49
N ASN A 324 8.85 -10.60 4.76
CA ASN A 324 10.04 -10.14 4.04
C ASN A 324 9.64 -9.30 2.84
N MET A 325 10.66 -8.81 2.13
CA MET A 325 10.47 -8.09 0.89
C MET A 325 10.24 -9.06 -0.25
N THR A 326 9.41 -8.66 -1.21
CA THR A 326 9.22 -9.47 -2.40
C THR A 326 10.48 -9.44 -3.24
N GLN A 327 10.69 -10.51 -4.01
CA GLN A 327 11.92 -10.63 -4.78
C GLN A 327 12.03 -9.53 -5.83
N GLY A 328 10.95 -9.26 -6.56
CA GLY A 328 10.99 -8.28 -7.63
C GLY A 328 11.39 -6.89 -7.17
N PHE A 329 11.22 -6.60 -5.88
CA PHE A 329 11.71 -5.34 -5.33
C PHE A 329 13.20 -5.19 -5.58
N TRP A 330 13.97 -6.25 -5.37
CA TRP A 330 15.41 -6.10 -5.39
C TRP A 330 15.92 -5.89 -6.81
N GLU A 331 15.29 -6.51 -7.81
CA GLU A 331 15.79 -6.36 -9.17
C GLU A 331 15.21 -5.13 -9.87
N ASN A 332 13.89 -4.92 -9.78
CA ASN A 332 13.28 -3.85 -10.58
C ASN A 332 13.53 -2.46 -10.01
N SER A 333 13.51 -2.30 -8.69
CA SER A 333 13.58 -0.98 -8.09
C SER A 333 14.93 -0.31 -8.35
N MET A 334 14.89 1.01 -8.48
CA MET A 334 16.10 1.82 -8.66
C MET A 334 16.47 2.43 -7.32
N LEU A 335 17.64 2.06 -6.80
CA LEU A 335 18.05 2.47 -5.46
C LEU A 335 19.36 3.26 -5.47
N THR A 336 19.78 3.74 -6.64
CA THR A 336 21.01 4.51 -6.75
C THR A 336 20.98 5.24 -8.08
N ASP A 337 21.33 6.53 -8.06
CA ASP A 337 21.20 7.35 -9.24
C ASP A 337 22.01 6.73 -10.38
N PRO A 338 21.42 6.55 -11.57
CA PRO A 338 22.12 5.84 -12.65
C PRO A 338 23.32 6.59 -13.21
N GLY A 339 23.58 7.81 -12.78
CA GLY A 339 24.68 8.59 -13.31
C GLY A 339 24.22 9.69 -14.24
N ASN A 340 25.19 10.33 -14.88
CA ASN A 340 24.90 11.44 -15.77
C ASN A 340 24.31 10.99 -17.10
N VAL A 341 24.62 9.77 -17.54
CA VAL A 341 24.13 9.31 -18.84
C VAL A 341 22.61 9.16 -18.83
N GLN A 342 22.03 8.78 -17.69
CA GLN A 342 20.59 8.62 -17.54
C GLN A 342 20.14 9.52 -16.41
N LYS A 343 19.35 10.54 -16.72
CA LYS A 343 18.87 11.49 -15.72
C LYS A 343 17.46 11.11 -15.29
N ALA A 344 17.21 11.18 -13.99
CA ALA A 344 15.90 10.86 -13.45
C ALA A 344 15.63 11.71 -12.23
N VAL A 345 14.40 12.22 -12.12
CA VAL A 345 14.03 12.98 -10.94
C VAL A 345 13.82 12.01 -9.78
N CYS A 346 14.53 12.23 -8.68
CA CYS A 346 14.55 11.26 -7.60
C CYS A 346 14.26 11.89 -6.24
N HIS A 347 12.98 12.15 -6.02
CA HIS A 347 12.51 12.53 -4.70
CA HIS A 347 12.52 12.53 -4.69
C HIS A 347 12.06 11.25 -3.99
N PRO A 348 12.59 10.93 -2.81
CA PRO A 348 12.28 9.64 -2.17
C PRO A 348 10.82 9.25 -2.29
N THR A 349 10.56 8.04 -2.79
CA THR A 349 9.18 7.63 -3.05
C THR A 349 9.08 6.12 -2.95
N ALA A 350 7.91 5.63 -2.56
CA ALA A 350 7.59 4.22 -2.58
C ALA A 350 6.44 3.99 -3.55
N TRP A 351 6.66 3.12 -4.53
CA TRP A 351 5.72 2.89 -5.62
C TRP A 351 5.03 1.56 -5.40
N ASP A 352 3.71 1.55 -5.50
CA ASP A 352 2.89 0.35 -5.46
C ASP A 352 2.11 0.33 -6.77
N LEU A 353 2.57 -0.48 -7.73
CA LEU A 353 2.02 -0.42 -9.06
C LEU A 353 0.86 -1.39 -9.27
N GLY A 354 0.47 -2.12 -8.24
CA GLY A 354 -0.57 -3.11 -8.39
C GLY A 354 -0.01 -4.37 -9.01
N LYS A 355 -0.86 -5.40 -9.05
CA LYS A 355 -0.47 -6.69 -9.59
C LYS A 355 0.77 -7.23 -8.88
N GLY A 356 0.84 -6.98 -7.58
CA GLY A 356 1.91 -7.52 -6.77
C GLY A 356 3.28 -6.94 -7.04
N ASP A 357 3.37 -5.71 -7.51
CA ASP A 357 4.63 -5.10 -7.89
C ASP A 357 4.90 -3.88 -7.01
N PHE A 358 6.05 -3.88 -6.32
CA PHE A 358 6.45 -2.82 -5.41
C PHE A 358 7.87 -2.38 -5.72
N ARG A 359 8.12 -1.08 -5.61
CA ARG A 359 9.43 -0.52 -5.93
C ARG A 359 9.70 0.67 -5.03
N ILE A 360 10.99 1.02 -4.85
CA ILE A 360 11.39 2.21 -4.11
C ILE A 360 12.29 3.05 -5.00
N LEU A 361 12.04 4.35 -5.06
CA LEU A 361 12.79 5.28 -5.89
C LEU A 361 13.50 6.29 -4.99
N MET A 362 14.81 6.10 -4.78
CA MET A 362 15.63 7.01 -4.01
C MET A 362 17.05 7.04 -4.56
N CYS A 363 17.65 8.23 -4.57
CA CYS A 363 19.08 8.38 -4.85
C CYS A 363 19.88 8.28 -3.55
N THR A 364 19.96 7.05 -3.03
CA THR A 364 20.57 6.84 -1.73
C THR A 364 22.05 7.23 -1.74
N LYS A 365 22.47 7.95 -0.70
CA LYS A 365 23.86 8.32 -0.48
C LYS A 365 24.21 8.00 0.96
N VAL A 366 25.50 7.77 1.21
CA VAL A 366 25.93 7.36 2.54
C VAL A 366 25.88 8.54 3.51
N THR A 367 24.76 8.65 4.23
CA THR A 367 24.48 9.68 5.22
C THR A 367 23.41 9.14 6.15
N MET A 368 23.45 9.57 7.41
CA MET A 368 22.43 9.14 8.37
C MET A 368 21.03 9.54 7.92
N ASP A 369 20.91 10.64 7.17
CA ASP A 369 19.61 11.07 6.68
C ASP A 369 18.99 10.01 5.78
N ASP A 370 19.79 9.42 4.89
CA ASP A 370 19.26 8.37 4.05
C ASP A 370 19.08 7.07 4.81
N PHE A 371 19.75 6.92 5.95
CA PHE A 371 19.50 5.75 6.80
C PHE A 371 18.14 5.88 7.48
N LEU A 372 17.68 7.11 7.69
CA LEU A 372 16.36 7.31 8.29
C LEU A 372 15.27 7.23 7.22
N THR A 373 15.49 7.90 6.08
CA THR A 373 14.49 7.86 5.02
C THR A 373 14.30 6.46 4.48
N ALA A 374 15.33 5.61 4.51
CA ALA A 374 15.14 4.24 4.06
C ALA A 374 14.14 3.50 4.93
N HIS A 375 14.13 3.75 6.24
CA HIS A 375 13.14 3.11 7.09
C HIS A 375 11.77 3.75 6.94
N HIS A 376 11.73 5.01 6.54
CA HIS A 376 10.45 5.68 6.34
C HIS A 376 9.77 5.14 5.08
N GLU A 377 10.50 5.12 3.98
CA GLU A 377 9.96 4.60 2.73
C GLU A 377 9.64 3.11 2.85
N MET A 378 10.48 2.37 3.58
CA MET A 378 10.21 0.95 3.77
C MET A 378 8.97 0.74 4.61
N GLY A 379 8.63 1.68 5.49
CA GLY A 379 7.38 1.55 6.22
C GLY A 379 6.18 1.86 5.37
N HIS A 380 6.34 2.72 4.36
CA HIS A 380 5.24 2.88 3.40
C HIS A 380 5.05 1.62 2.58
N ILE A 381 6.15 1.00 2.15
CA ILE A 381 6.06 -0.25 1.38
C ILE A 381 5.42 -1.35 2.22
N GLN A 382 5.78 -1.43 3.51
CA GLN A 382 5.17 -2.42 4.37
C GLN A 382 3.71 -2.12 4.67
N TYR A 383 3.28 -0.86 4.55
CA TYR A 383 1.86 -0.60 4.70
C TYR A 383 1.11 -1.01 3.44
N ASP A 384 1.73 -0.91 2.27
CA ASP A 384 1.03 -1.23 1.03
C ASP A 384 0.90 -2.73 0.79
N MET A 385 1.81 -3.54 1.37
CA MET A 385 1.70 -4.98 1.25
C MET A 385 0.57 -5.56 2.10
N ALA A 386 0.17 -4.87 3.15
CA ALA A 386 -0.75 -5.47 4.12
C ALA A 386 -2.14 -5.66 3.54
N TYR A 387 -2.68 -4.65 2.88
CA TYR A 387 -4.06 -4.68 2.40
C TYR A 387 -4.16 -5.07 0.92
N ALA A 388 -3.21 -5.84 0.41
CA ALA A 388 -3.27 -6.24 -0.99
C ALA A 388 -4.43 -7.19 -1.26
N ALA A 389 -5.03 -7.78 -0.23
CA ALA A 389 -6.13 -8.71 -0.42
C ALA A 389 -7.47 -8.00 -0.64
N GLN A 390 -7.57 -6.72 -0.31
CA GLN A 390 -8.84 -6.01 -0.39
C GLN A 390 -9.19 -5.70 -1.86
N PRO A 391 -10.46 -5.43 -2.13
CA PRO A 391 -10.85 -5.02 -3.49
C PRO A 391 -10.13 -3.76 -3.93
N PHE A 392 -10.32 -3.40 -5.20
CA PHE A 392 -9.54 -2.31 -5.78
C PHE A 392 -9.83 -0.97 -5.10
N LEU A 393 -11.11 -0.69 -4.82
CA LEU A 393 -11.48 0.61 -4.28
C LEU A 393 -11.19 0.76 -2.80
N LEU A 394 -10.81 -0.31 -2.11
CA LEU A 394 -10.52 -0.26 -0.68
C LEU A 394 -9.05 -0.54 -0.38
N ARG A 395 -8.18 -0.24 -1.33
CA ARG A 395 -6.74 -0.41 -1.15
C ARG A 395 -6.10 0.93 -0.84
N ASN A 396 -6.39 1.45 0.35
CA ASN A 396 -5.86 2.74 0.75
C ASN A 396 -5.87 2.82 2.28
N GLY A 397 -5.18 3.82 2.81
CA GLY A 397 -5.15 4.01 4.25
C GLY A 397 -6.53 4.32 4.81
N ALA A 398 -6.68 4.06 6.12
CA ALA A 398 -7.99 4.19 6.74
C ALA A 398 -8.56 5.59 6.58
N ASN A 399 -7.73 6.61 6.81
CA ASN A 399 -8.02 7.96 6.37
C ASN A 399 -6.71 8.59 5.93
N GLU A 400 -6.78 9.85 5.48
CA GLU A 400 -5.61 10.48 4.87
C GLU A 400 -4.45 10.66 5.83
N GLY A 401 -4.69 10.61 7.13
CA GLY A 401 -3.60 10.82 8.07
C GLY A 401 -3.08 9.55 8.71
N PHE A 402 -3.01 8.46 7.93
CA PHE A 402 -2.55 7.19 8.45
C PHE A 402 -1.30 6.66 7.78
N HIS A 403 -1.09 6.94 6.49
CA HIS A 403 0.14 6.49 5.84
C HIS A 403 1.37 7.14 6.44
N GLU A 404 1.30 8.44 6.74
CA GLU A 404 2.49 9.14 7.18
C GLU A 404 2.79 8.88 8.65
N ALA A 405 1.77 8.57 9.47
CA ALA A 405 2.05 8.17 10.84
C ALA A 405 2.79 6.84 10.87
N VAL A 406 2.37 5.89 10.03
CA VAL A 406 3.04 4.61 9.94
C VAL A 406 4.45 4.79 9.41
N GLY A 407 4.62 5.64 8.40
CA GLY A 407 5.96 5.85 7.88
C GLY A 407 6.87 6.61 8.83
N GLU A 408 6.30 7.30 9.81
CA GLU A 408 7.11 8.11 10.72
C GLU A 408 7.49 7.38 12.00
N ILE A 409 6.59 6.55 12.55
CA ILE A 409 6.95 5.89 13.81
C ILE A 409 8.13 4.93 13.61
N MET A 410 8.30 4.37 12.42
CA MET A 410 9.44 3.49 12.18
C MET A 410 10.74 4.26 12.13
N SER A 411 10.72 5.46 11.56
CA SER A 411 11.89 6.32 11.60
C SER A 411 12.08 6.98 12.94
N LEU A 412 11.07 6.89 13.81
CA LEU A 412 11.20 7.39 15.17
C LEU A 412 11.86 6.35 16.06
N SER A 413 11.56 5.07 15.83
CA SER A 413 12.20 4.00 16.58
C SER A 413 13.58 3.66 16.07
N ALA A 414 13.83 3.79 14.76
CA ALA A 414 15.14 3.45 14.21
C ALA A 414 16.18 4.56 14.38
N ALA A 415 15.93 5.54 15.24
CA ALA A 415 16.86 6.63 15.48
C ALA A 415 17.40 6.65 16.90
N THR A 416 16.80 5.93 17.83
CA THR A 416 17.26 5.94 19.21
C THR A 416 18.68 5.38 19.29
N PRO A 417 19.53 5.93 20.17
CA PRO A 417 20.92 5.45 20.25
C PRO A 417 21.02 3.97 20.59
N LYS A 418 20.07 3.42 21.35
CA LYS A 418 20.10 1.99 21.64
C LYS A 418 20.09 1.15 20.38
N HIS A 419 19.30 1.54 19.38
CA HIS A 419 19.21 0.76 18.15
C HIS A 419 20.49 0.86 17.34
N LEU A 420 21.04 2.07 17.19
CA LEU A 420 22.31 2.20 16.48
C LEU A 420 23.43 1.50 17.23
N LYS A 421 23.30 1.36 18.55
CA LYS A 421 24.27 0.58 19.32
C LYS A 421 24.13 -0.90 19.02
N SER A 422 22.89 -1.38 18.84
CA SER A 422 22.69 -2.77 18.47
C SER A 422 23.36 -3.09 17.14
N ILE A 423 23.29 -2.16 16.18
CA ILE A 423 23.93 -2.35 14.89
C ILE A 423 25.42 -2.05 15.04
N GLY A 424 26.21 -2.52 14.06
CA GLY A 424 27.66 -2.50 14.21
C GLY A 424 28.22 -1.13 14.52
N LEU A 425 27.66 -0.09 13.88
CA LEU A 425 28.13 1.27 14.07
C LEU A 425 27.76 1.76 15.48
N LEU A 426 28.09 3.03 15.75
CA LEU A 426 27.89 3.63 17.07
C LEU A 426 28.67 2.86 18.13
N SER A 427 30.00 3.06 18.18
CA SER A 427 30.96 2.34 19.01
C SER A 427 30.40 2.01 20.40
N PRO A 428 30.73 0.83 20.94
CA PRO A 428 29.85 0.21 21.94
C PRO A 428 29.62 1.01 23.22
N ASP A 429 30.66 1.60 23.82
CA ASP A 429 30.49 2.11 25.17
C ASP A 429 29.46 3.24 25.25
N PHE A 430 29.82 4.40 24.68
CA PHE A 430 28.92 5.53 24.45
C PHE A 430 27.83 5.71 25.51
N GLN A 431 28.20 5.92 26.76
CA GLN A 431 27.21 6.22 27.78
C GLN A 431 26.54 7.55 27.49
N GLU A 432 25.22 7.59 27.66
CA GLU A 432 24.44 8.79 27.40
C GLU A 432 24.16 9.54 28.69
N ASP A 433 24.14 10.87 28.59
CA ASP A 433 23.80 11.75 29.69
C ASP A 433 22.60 12.60 29.32
N ASN A 434 21.99 13.23 30.34
CA ASN A 434 20.79 14.02 30.11
C ASN A 434 21.07 15.23 29.23
N GLU A 435 22.24 15.84 29.39
CA GLU A 435 22.57 17.03 28.63
C GLU A 435 22.52 16.79 27.13
N THR A 436 22.65 15.52 26.70
CA THR A 436 22.46 15.20 25.29
C THR A 436 20.98 15.07 24.95
N GLU A 437 20.19 14.51 25.86
CA GLU A 437 18.80 14.27 25.56
C GLU A 437 18.00 15.57 25.52
N ILE A 438 18.48 16.62 26.17
CA ILE A 438 17.80 17.90 26.03
C ILE A 438 18.11 18.53 24.67
N ASN A 439 19.37 18.48 24.23
CA ASN A 439 19.68 18.94 22.87
C ASN A 439 18.80 18.21 21.85
N PHE A 440 18.67 16.91 22.01
CA PHE A 440 17.89 16.14 21.04
C PHE A 440 16.42 16.54 21.09
N LEU A 441 15.83 16.60 22.28
CA LEU A 441 14.42 16.93 22.39
C LEU A 441 14.13 18.31 21.84
N LEU A 442 14.98 19.30 22.11
CA LEU A 442 14.67 20.62 21.56
C LEU A 442 14.81 20.64 20.04
N LYS A 443 15.74 19.86 19.49
CA LYS A 443 15.84 19.83 18.03
C LYS A 443 14.65 19.14 17.40
N GLN A 444 13.97 18.28 18.15
CA GLN A 444 12.73 17.70 17.62
C GLN A 444 11.52 18.60 17.86
N ALA A 445 11.50 19.30 19.00
CA ALA A 445 10.36 20.15 19.33
C ALA A 445 10.24 21.30 18.35
N LEU A 446 11.36 21.91 17.94
CA LEU A 446 11.22 23.00 16.98
C LEU A 446 10.56 22.54 15.69
N THR A 447 10.66 21.26 15.35
CA THR A 447 10.08 20.72 14.14
C THR A 447 8.65 20.25 14.32
N ILE A 448 8.32 19.65 15.46
CA ILE A 448 7.01 19.02 15.65
C ILE A 448 5.99 19.98 16.23
N VAL A 449 6.29 20.62 17.36
CA VAL A 449 5.31 21.46 18.05
C VAL A 449 5.47 22.93 17.64
N GLY A 450 6.10 23.20 16.51
CA GLY A 450 6.21 24.56 16.04
C GLY A 450 5.36 24.77 14.82
N THR A 451 5.00 23.69 14.14
CA THR A 451 4.17 23.73 12.95
C THR A 451 2.71 23.40 13.21
N LEU A 452 2.33 23.12 14.45
CA LEU A 452 0.92 22.84 14.73
C LEU A 452 0.06 24.10 14.81
N PRO A 453 0.51 25.21 15.40
CA PRO A 453 -0.31 26.42 15.35
C PRO A 453 -0.33 27.09 14.00
N PHE A 454 0.62 26.77 13.12
CA PHE A 454 0.53 27.32 11.77
C PHE A 454 -0.43 26.50 10.93
N THR A 455 -0.38 25.17 11.04
CA THR A 455 -1.34 24.35 10.34
C THR A 455 -2.75 24.64 10.82
N TYR A 456 -2.93 24.82 12.13
CA TYR A 456 -4.26 25.07 12.66
C TYR A 456 -4.77 26.45 12.24
N MET A 457 -3.91 27.46 12.21
CA MET A 457 -4.36 28.78 11.82
C MET A 457 -4.65 28.85 10.33
N LEU A 458 -3.79 28.26 9.51
CA LEU A 458 -4.03 28.31 8.06
C LEU A 458 -5.30 27.56 7.69
N GLU A 459 -5.50 26.38 8.27
CA GLU A 459 -6.68 25.59 7.93
C GLU A 459 -7.93 26.06 8.66
N LYS A 460 -7.82 27.01 9.58
CA LYS A 460 -9.03 27.66 10.07
C LYS A 460 -9.34 28.91 9.29
N TRP A 461 -8.32 29.57 8.73
CA TRP A 461 -8.58 30.69 7.82
C TRP A 461 -9.25 30.21 6.54
N ARG A 462 -8.74 29.16 5.92
CA ARG A 462 -9.38 28.71 4.68
C ARG A 462 -10.80 28.22 4.94
N TRP A 463 -11.07 27.66 6.12
CA TRP A 463 -12.44 27.21 6.38
C TRP A 463 -13.35 28.41 6.61
N MET A 464 -12.81 29.47 7.21
CA MET A 464 -13.62 30.65 7.46
C MET A 464 -13.90 31.40 6.16
N VAL A 465 -12.90 31.45 5.27
CA VAL A 465 -13.09 32.14 3.99
C VAL A 465 -14.03 31.38 3.08
N PHE A 466 -13.90 30.05 3.05
CA PHE A 466 -14.79 29.25 2.22
C PHE A 466 -16.22 29.31 2.73
N LYS A 467 -16.42 29.25 4.05
CA LYS A 467 -17.77 29.36 4.57
C LYS A 467 -18.39 30.73 4.29
N GLY A 468 -17.56 31.75 4.11
CA GLY A 468 -18.06 33.10 3.90
C GLY A 468 -18.05 33.99 5.12
N GLU A 469 -17.40 33.58 6.21
CA GLU A 469 -17.35 34.38 7.43
C GLU A 469 -16.52 35.64 7.25
N ILE A 470 -15.49 35.58 6.40
CA ILE A 470 -14.60 36.71 6.16
C ILE A 470 -15.03 37.36 4.84
N PRO A 471 -15.64 38.53 4.86
CA PRO A 471 -16.01 39.20 3.61
C PRO A 471 -14.79 39.47 2.74
N LYS A 472 -15.05 39.86 1.50
CA LYS A 472 -13.96 40.01 0.55
C LYS A 472 -13.11 41.24 0.81
N ASP A 473 -13.54 42.11 1.73
CA ASP A 473 -12.77 43.30 2.11
C ASP A 473 -12.00 43.11 3.41
N GLN A 474 -12.00 41.92 3.99
CA GLN A 474 -11.29 41.65 5.23
C GLN A 474 -10.37 40.45 5.11
N TRP A 475 -9.80 40.21 3.93
CA TRP A 475 -8.99 39.02 3.75
C TRP A 475 -7.62 39.17 4.38
N MET A 476 -6.99 40.34 4.25
CA MET A 476 -5.68 40.57 4.84
C MET A 476 -5.77 41.14 6.25
N LYS A 477 -6.87 41.84 6.57
CA LYS A 477 -6.99 42.44 7.89
C LYS A 477 -7.24 41.39 8.96
N LYS A 478 -7.82 40.26 8.59
CA LYS A 478 -8.10 39.21 9.56
C LYS A 478 -7.01 38.16 9.63
N TRP A 479 -6.24 37.98 8.56
CA TRP A 479 -5.12 37.04 8.61
C TRP A 479 -4.10 37.45 9.66
N TRP A 480 -3.76 38.73 9.71
CA TRP A 480 -2.76 39.23 10.64
C TRP A 480 -3.33 39.50 12.02
N GLU A 481 -4.62 39.23 12.23
CA GLU A 481 -5.19 39.14 13.57
C GLU A 481 -5.30 37.69 14.04
N MET A 482 -5.35 36.74 13.11
CA MET A 482 -5.18 35.34 13.46
C MET A 482 -3.73 35.07 13.87
N LYS A 483 -2.78 35.63 13.12
CA LYS A 483 -1.35 35.42 13.39
C LYS A 483 -0.99 35.77 14.82
N ARG A 484 -1.37 36.97 15.27
CA ARG A 484 -0.91 37.45 16.56
C ARG A 484 -1.61 36.74 17.71
N GLU A 485 -2.81 36.22 17.50
CA GLU A 485 -3.53 35.57 18.59
C GLU A 485 -3.28 34.08 18.68
N ILE A 486 -2.77 33.45 17.61
CA ILE A 486 -2.58 32.00 17.56
C ILE A 486 -1.11 31.65 17.41
N VAL A 487 -0.42 32.30 16.47
CA VAL A 487 0.98 31.98 16.20
C VAL A 487 1.94 32.97 16.87
N GLY A 488 1.45 34.13 17.31
CA GLY A 488 2.31 35.10 17.95
C GLY A 488 3.39 35.62 17.03
N VAL A 489 3.01 36.11 15.85
CA VAL A 489 3.93 36.54 14.83
C VAL A 489 3.40 37.82 14.21
N VAL A 490 4.09 38.94 14.43
CA VAL A 490 3.67 40.22 13.88
C VAL A 490 4.32 40.42 12.52
N GLU A 491 3.73 41.28 11.72
CA GLU A 491 4.25 41.62 10.39
C GLU A 491 5.18 42.82 10.47
N PRO A 492 6.27 42.84 9.71
CA PRO A 492 7.21 43.97 9.78
C PRO A 492 6.82 45.17 8.95
N VAL A 493 5.84 45.05 8.06
CA VAL A 493 5.27 46.19 7.34
C VAL A 493 3.78 45.91 7.14
N PRO A 494 2.89 46.86 7.42
CA PRO A 494 1.45 46.57 7.29
C PRO A 494 1.05 46.29 5.85
N HIS A 495 0.21 45.29 5.68
CA HIS A 495 -0.35 44.93 4.38
C HIS A 495 -1.81 45.36 4.31
N ASP A 496 -2.14 46.09 3.25
CA ASP A 496 -3.51 46.56 3.04
C ASP A 496 -4.35 45.42 2.50
N GLU A 497 -5.55 45.74 2.02
CA GLU A 497 -6.48 44.74 1.55
C GLU A 497 -6.07 44.16 0.20
N THR A 498 -5.30 44.90 -0.59
CA THR A 498 -4.93 44.44 -1.94
C THR A 498 -4.04 43.20 -1.91
N TYR A 499 -3.19 43.06 -0.90
CA TYR A 499 -2.26 41.95 -0.86
C TYR A 499 -2.98 40.62 -0.68
N CYS A 500 -2.27 39.55 -1.05
CA CYS A 500 -2.70 38.18 -0.77
C CYS A 500 -1.48 37.44 -0.27
N ASP A 501 -1.39 37.29 1.05
CA ASP A 501 -0.27 36.64 1.73
C ASP A 501 -0.41 35.12 1.70
N PRO A 502 -1.56 34.55 2.07
CA PRO A 502 -1.66 33.08 2.12
C PRO A 502 -1.48 32.40 0.77
N ALA A 503 -1.80 33.09 -0.32
CA ALA A 503 -1.68 32.50 -1.66
C ALA A 503 -0.24 32.22 -2.04
N SER A 504 0.74 32.72 -1.29
CA SER A 504 2.13 32.43 -1.57
C SER A 504 2.48 30.97 -1.27
N LEU A 505 1.86 30.39 -0.24
CA LEU A 505 2.21 29.04 0.17
C LEU A 505 1.85 28.04 -0.93
N PHE A 506 2.65 26.98 -1.03
CA PHE A 506 2.48 26.01 -2.11
C PHE A 506 1.14 25.31 -2.01
N HIS A 507 0.71 24.95 -0.80
CA HIS A 507 -0.55 24.22 -0.65
C HIS A 507 -1.75 25.11 -0.94
N VAL A 508 -1.68 26.40 -0.60
CA VAL A 508 -2.83 27.28 -0.78
C VAL A 508 -3.09 27.54 -2.26
N SER A 509 -2.04 27.85 -3.02
CA SER A 509 -2.23 28.21 -4.43
C SER A 509 -2.50 27.00 -5.29
N ASN A 510 -1.90 25.85 -4.98
CA ASN A 510 -2.04 24.65 -5.78
C ASN A 510 -3.22 23.78 -5.34
N ASP A 511 -4.06 24.27 -4.42
CA ASP A 511 -5.31 23.61 -4.06
C ASP A 511 -5.05 22.22 -3.47
N TYR A 512 -4.48 22.22 -2.26
CA TYR A 512 -4.31 21.00 -1.49
C TYR A 512 -4.91 21.17 -0.11
N SER A 513 -5.24 20.04 0.51
CA SER A 513 -5.67 20.03 1.89
C SER A 513 -4.47 20.24 2.81
N PHE A 514 -4.74 20.72 4.02
CA PHE A 514 -3.68 21.04 4.96
C PHE A 514 -3.88 20.49 6.36
N ILE A 515 -5.06 20.00 6.71
CA ILE A 515 -5.28 19.45 8.04
C ILE A 515 -4.73 18.04 8.17
N ARG A 516 -4.10 17.51 7.13
CA ARG A 516 -3.51 16.18 7.25
C ARG A 516 -2.25 16.21 8.10
N TYR A 517 -1.65 17.39 8.27
CA TYR A 517 -0.40 17.55 8.98
C TYR A 517 -0.61 17.86 10.45
N TYR A 518 -1.83 18.20 10.84
CA TYR A 518 -2.19 18.36 12.24
C TYR A 518 -2.58 17.03 12.84
N THR A 519 -3.22 16.16 12.07
CA THR A 519 -3.58 14.84 12.55
C THR A 519 -2.45 13.82 12.39
N ARG A 520 -1.57 14.00 11.39
CA ARG A 520 -0.44 13.08 11.29
C ARG A 520 0.41 13.14 12.55
N THR A 521 0.67 14.34 13.06
CA THR A 521 1.52 14.49 14.23
C THR A 521 0.92 13.81 15.46
N LEU A 522 -0.38 13.95 15.66
CA LEU A 522 -1.01 13.34 16.83
C LEU A 522 -1.05 11.82 16.72
N TYR A 523 -1.41 11.30 15.54
CA TYR A 523 -1.44 9.85 15.39
C TYR A 523 -0.03 9.28 15.52
N GLN A 524 0.97 10.04 15.09
CA GLN A 524 2.36 9.62 15.13
C GLN A 524 2.79 9.24 16.53
N PHE A 525 2.21 9.87 17.55
CA PHE A 525 2.61 9.61 18.92
C PHE A 525 1.62 8.78 19.70
N GLN A 526 0.37 8.69 19.25
CA GLN A 526 -0.49 7.73 19.92
C GLN A 526 -0.15 6.31 19.51
N PHE A 527 0.26 6.13 18.25
CA PHE A 527 0.73 4.83 17.82
C PHE A 527 1.96 4.43 18.61
N GLN A 528 2.91 5.36 18.76
CA GLN A 528 4.15 5.06 19.44
C GLN A 528 3.92 4.72 20.91
N GLU A 529 3.04 5.46 21.60
CA GLU A 529 2.76 5.08 22.98
C GLU A 529 2.15 3.68 23.07
N ALA A 530 1.18 3.37 22.21
CA ALA A 530 0.53 2.07 22.35
C ALA A 530 1.50 0.94 22.06
N LEU A 531 2.33 1.08 21.03
CA LEU A 531 3.27 0.01 20.72
C LEU A 531 4.47 -0.05 21.66
N CYS A 532 4.87 1.07 22.28
CA CYS A 532 5.88 1.01 23.31
C CYS A 532 5.35 0.33 24.56
N GLN A 533 4.07 0.56 24.88
CA GLN A 533 3.46 -0.15 25.98
C GLN A 533 3.40 -1.65 25.70
N ALA A 534 3.06 -2.03 24.47
CA ALA A 534 2.93 -3.45 24.16
C ALA A 534 4.28 -4.17 24.14
N ALA A 535 5.39 -3.44 24.00
CA ALA A 535 6.72 -4.03 24.07
C ALA A 535 7.25 -4.16 25.49
N LYS A 536 6.47 -3.72 26.49
CA LYS A 536 6.85 -3.78 27.91
C LYS A 536 8.14 -3.01 28.19
N HIS A 537 8.38 -1.94 27.44
CA HIS A 537 9.47 -1.03 27.76
C HIS A 537 9.18 -0.27 29.05
N GLU A 538 10.21 -0.02 29.84
CA GLU A 538 10.09 0.71 31.09
C GLU A 538 10.95 1.97 31.03
N GLY A 539 10.34 3.12 31.32
CA GLY A 539 11.02 4.39 31.25
C GLY A 539 10.35 5.34 30.29
N PRO A 540 10.94 6.53 30.11
CA PRO A 540 10.33 7.53 29.23
C PRO A 540 10.34 7.10 27.78
N LEU A 541 9.48 7.76 27.00
CA LEU A 541 9.18 7.35 25.64
C LEU A 541 10.23 7.79 24.61
N HIS A 542 11.00 8.83 24.91
CA HIS A 542 11.91 9.36 23.88
C HIS A 542 13.04 8.41 23.50
N LYS A 543 13.30 7.37 24.31
CA LYS A 543 14.32 6.38 23.96
C LYS A 543 13.76 4.96 23.89
N CYS A 544 12.46 4.83 23.64
CA CYS A 544 11.84 3.51 23.49
C CYS A 544 12.11 2.96 22.10
N ASP A 545 12.36 1.65 22.04
CA ASP A 545 12.63 0.95 20.79
C ASP A 545 11.64 -0.22 20.67
N ILE A 546 11.37 -0.64 19.44
CA ILE A 546 10.36 -1.65 19.20
C ILE A 546 10.93 -2.97 18.68
N SER A 547 12.13 -2.96 18.08
CA SER A 547 12.71 -4.17 17.51
C SER A 547 12.75 -5.31 18.55
N ASN A 548 12.71 -6.54 18.04
CA ASN A 548 12.72 -7.75 18.87
C ASN A 548 11.52 -7.82 19.81
N SER A 549 10.35 -7.39 19.31
CA SER A 549 9.10 -7.46 20.07
C SER A 549 7.99 -7.88 19.11
N THR A 550 7.78 -9.20 18.99
CA THR A 550 6.83 -9.72 18.02
C THR A 550 5.41 -9.29 18.33
N GLU A 551 5.06 -9.16 19.62
CA GLU A 551 3.69 -8.83 19.99
C GLU A 551 3.28 -7.47 19.44
N ALA A 552 4.15 -6.47 19.55
CA ALA A 552 3.83 -5.16 19.01
C ALA A 552 3.63 -5.22 17.50
N GLY A 553 4.46 -6.00 16.80
CA GLY A 553 4.29 -6.15 15.37
C GLY A 553 2.98 -6.80 15.00
N GLN A 554 2.53 -7.77 15.79
CA GLN A 554 1.21 -8.36 15.52
C GLN A 554 0.10 -7.36 15.80
N LYS A 555 0.28 -6.54 16.85
CA LYS A 555 -0.72 -5.52 17.15
C LYS A 555 -0.85 -4.52 16.01
N LEU A 556 0.28 -4.14 15.42
CA LEU A 556 0.25 -3.19 14.31
C LEU A 556 -0.31 -3.82 13.05
N PHE A 557 0.11 -5.04 12.73
CA PHE A 557 -0.38 -5.70 11.53
C PHE A 557 -1.87 -6.00 11.62
N ASN A 558 -2.42 -6.08 12.83
CA ASN A 558 -3.87 -6.28 12.93
C ASN A 558 -4.66 -5.07 12.46
N MET A 559 -4.02 -3.91 12.29
CA MET A 559 -4.69 -2.73 11.74
C MET A 559 -4.19 -2.37 10.35
N LEU A 560 -2.93 -2.63 10.04
CA LEU A 560 -2.44 -2.44 8.67
C LEU A 560 -3.23 -3.31 7.69
N ARG A 561 -3.73 -4.45 8.13
CA ARG A 561 -4.38 -5.40 7.23
C ARG A 561 -5.73 -4.89 6.73
N LEU A 562 -6.45 -4.08 7.52
CA LEU A 562 -7.81 -3.71 7.17
C LEU A 562 -7.86 -2.89 5.89
N GLY A 563 -6.93 -1.97 5.71
CA GLY A 563 -7.12 -1.05 4.61
C GLY A 563 -8.24 -0.10 4.95
N LYS A 564 -8.97 0.32 3.92
CA LYS A 564 -10.02 1.32 4.10
C LYS A 564 -11.38 0.68 4.37
N SER A 565 -11.47 -0.64 4.34
CA SER A 565 -12.76 -1.32 4.46
C SER A 565 -13.45 -1.08 5.79
N GLU A 566 -12.73 -0.62 6.82
CA GLU A 566 -13.31 -0.40 8.13
C GLU A 566 -13.23 1.08 8.50
N PRO A 567 -14.19 1.58 9.29
CA PRO A 567 -14.13 2.98 9.71
C PRO A 567 -12.86 3.27 10.49
N TRP A 568 -12.34 4.49 10.31
CA TRP A 568 -11.05 4.83 10.89
C TRP A 568 -11.09 4.89 12.40
N THR A 569 -12.26 5.03 13.01
CA THR A 569 -12.34 4.93 14.46
C THR A 569 -12.14 3.49 14.91
N LEU A 570 -12.68 2.53 14.16
CA LEU A 570 -12.42 1.13 14.48
C LEU A 570 -10.98 0.76 14.20
N ALA A 571 -10.41 1.29 13.12
CA ALA A 571 -9.01 1.01 12.82
C ALA A 571 -8.10 1.60 13.89
N LEU A 572 -8.47 2.76 14.42
CA LEU A 572 -7.71 3.35 15.52
C LEU A 572 -7.86 2.51 16.80
N GLU A 573 -9.08 2.07 17.10
CA GLU A 573 -9.31 1.30 18.32
C GLU A 573 -8.54 -0.02 18.33
N ASN A 574 -8.18 -0.55 17.16
CA ASN A 574 -7.44 -1.80 17.10
C ASN A 574 -6.00 -1.63 17.57
N VAL A 575 -5.46 -0.42 17.58
CA VAL A 575 -4.08 -0.16 17.97
C VAL A 575 -4.02 0.58 19.30
N VAL A 576 -4.60 1.77 19.37
CA VAL A 576 -4.46 2.60 20.57
C VAL A 576 -5.44 2.15 21.65
N GLY A 577 -6.72 2.14 21.32
CA GLY A 577 -7.73 1.80 22.32
C GLY A 577 -8.75 2.90 22.53
N ALA A 578 -8.78 3.89 21.64
CA ALA A 578 -9.73 4.98 21.71
C ALA A 578 -10.38 5.20 20.35
N LYS A 579 -11.54 5.85 20.36
CA LYS A 579 -12.26 6.16 19.14
C LYS A 579 -12.04 7.59 18.66
N ASN A 580 -11.20 8.36 19.34
CA ASN A 580 -10.94 9.72 18.94
C ASN A 580 -9.46 10.02 19.11
N MET A 581 -9.00 11.09 18.47
CA MET A 581 -7.60 11.46 18.54
C MET A 581 -7.35 12.30 19.78
N ASN A 582 -6.21 12.05 20.42
CA ASN A 582 -5.85 12.69 21.67
C ASN A 582 -4.50 13.40 21.52
N VAL A 583 -4.16 14.22 22.51
CA VAL A 583 -2.88 14.90 22.54
C VAL A 583 -2.06 14.53 23.77
N ARG A 584 -2.58 13.69 24.65
CA ARG A 584 -1.86 13.35 25.87
C ARG A 584 -0.54 12.64 25.60
N PRO A 585 -0.44 11.64 24.70
CA PRO A 585 0.87 11.04 24.42
C PRO A 585 1.90 12.01 23.88
N LEU A 586 1.48 12.95 23.03
CA LEU A 586 2.42 13.95 22.53
C LEU A 586 3.00 14.76 23.67
N LEU A 587 2.16 15.14 24.63
CA LEU A 587 2.65 15.86 25.80
C LEU A 587 3.58 15.00 26.64
N ASN A 588 3.26 13.71 26.81
CA ASN A 588 4.14 12.83 27.58
C ASN A 588 5.52 12.72 26.96
N TYR A 589 5.58 12.65 25.62
CA TYR A 589 6.87 12.54 24.94
C TYR A 589 7.80 13.71 25.28
N PHE A 590 7.26 14.90 25.47
CA PHE A 590 8.04 16.11 25.69
C PHE A 590 8.10 16.56 27.15
N GLU A 591 7.74 15.69 28.09
CA GLU A 591 7.72 16.08 29.51
C GLU A 591 9.07 16.56 30.05
N PRO A 592 10.21 15.90 29.79
CA PRO A 592 11.49 16.46 30.26
C PRO A 592 11.81 17.81 29.68
N LEU A 593 11.56 17.99 28.38
CA LEU A 593 11.78 19.29 27.76
C LEU A 593 10.85 20.33 28.37
N PHE A 594 9.59 19.96 28.62
CA PHE A 594 8.66 20.93 29.17
C PHE A 594 9.12 21.39 30.54
N THR A 595 9.57 20.47 31.39
CA THR A 595 10.06 20.86 32.70
C THR A 595 11.31 21.75 32.61
N TRP A 596 12.26 21.37 31.76
CA TRP A 596 13.45 22.20 31.62
C TRP A 596 13.12 23.59 31.11
N LEU A 597 12.13 23.71 30.23
CA LEU A 597 11.80 25.02 29.70
C LEU A 597 11.04 25.83 30.73
N LYS A 598 10.19 25.17 31.50
CA LYS A 598 9.44 25.83 32.55
C LYS A 598 10.37 26.37 33.61
N ASP A 599 11.57 25.79 33.75
CA ASP A 599 12.53 26.35 34.68
C ASP A 599 13.38 27.44 34.05
N GLN A 600 13.72 27.31 32.77
CA GLN A 600 14.55 28.32 32.11
C GLN A 600 13.83 29.65 31.97
N ASN A 601 12.55 29.65 31.56
CA ASN A 601 11.87 30.89 31.21
C ASN A 601 11.55 31.80 32.40
N LYS A 602 11.71 31.33 33.64
CA LYS A 602 11.18 32.07 34.78
C LYS A 602 11.79 33.46 34.91
N ASN A 603 13.02 33.64 34.42
CA ASN A 603 13.61 34.97 34.41
C ASN A 603 12.97 35.85 33.33
N SER A 604 12.68 35.27 32.17
CA SER A 604 12.10 36.00 31.06
C SER A 604 10.57 36.06 31.21
N PHE A 605 9.89 36.45 30.15
CA PHE A 605 8.44 36.55 30.15
C PHE A 605 7.80 35.25 29.65
N VAL A 606 6.49 35.17 29.77
CA VAL A 606 5.69 34.08 29.20
C VAL A 606 4.47 34.70 28.52
N GLY A 607 4.16 34.23 27.31
CA GLY A 607 3.08 34.82 26.56
C GLY A 607 3.54 36.05 25.81
N TRP A 608 2.60 36.72 25.14
CA TRP A 608 2.93 37.81 24.25
C TRP A 608 1.87 38.90 24.36
N SER A 609 1.99 39.90 23.48
CA SER A 609 1.07 41.03 23.43
C SER A 609 0.86 41.44 21.98
N THR A 610 -0.39 41.72 21.62
CA THR A 610 -0.79 41.97 20.24
C THR A 610 -0.52 43.40 19.78
N ASP A 611 -0.13 44.30 20.68
CA ASP A 611 -0.06 45.71 20.34
C ASP A 611 1.26 46.04 19.63
N TRP A 612 2.38 45.60 20.19
CA TRP A 612 3.68 46.00 19.67
C TRP A 612 3.89 45.51 18.24
N SER A 613 4.11 46.45 17.32
CA SER A 613 4.41 46.15 15.94
C SER A 613 5.67 46.89 15.52
N PRO A 614 6.60 46.24 14.83
CA PRO A 614 7.90 46.88 14.58
C PRO A 614 7.79 48.20 13.84
N TYR A 615 6.86 48.31 12.90
CA TYR A 615 6.65 49.54 12.16
C TYR A 615 5.99 50.59 13.04
N PRO B 353 5.44 -69.92 4.48
CA PRO B 353 5.52 -69.69 3.03
C PRO B 353 6.86 -70.14 2.45
N THR B 354 6.81 -71.06 1.48
CA THR B 354 8.04 -71.57 0.90
C THR B 354 8.73 -70.54 0.02
N GLU B 355 7.98 -69.91 -0.89
CA GLU B 355 8.57 -69.02 -1.88
C GLU B 355 7.58 -67.92 -2.22
N SER B 356 8.09 -66.77 -2.65
CA SER B 356 7.27 -65.59 -2.90
C SER B 356 7.28 -65.27 -4.39
N ILE B 357 6.08 -65.02 -4.94
CA ILE B 357 5.92 -64.71 -6.35
C ILE B 357 5.14 -63.42 -6.50
N VAL B 358 5.50 -62.64 -7.53
CA VAL B 358 4.75 -61.46 -7.94
C VAL B 358 4.40 -61.61 -9.41
N ARG B 359 3.12 -61.49 -9.74
CA ARG B 359 2.62 -61.71 -11.10
C ARG B 359 1.98 -60.42 -11.61
N PHE B 360 2.56 -59.87 -12.68
CA PHE B 360 2.08 -58.64 -13.29
C PHE B 360 1.96 -58.81 -14.79
N PRO B 361 1.10 -58.03 -15.43
CA PRO B 361 0.98 -58.09 -16.90
C PRO B 361 2.29 -57.76 -17.60
N ASN B 362 2.55 -58.49 -18.69
CA ASN B 362 3.79 -58.34 -19.45
C ASN B 362 3.58 -57.27 -20.53
N ILE B 363 3.73 -56.01 -20.11
CA ILE B 363 3.61 -54.86 -21.00
C ILE B 363 4.77 -53.92 -20.71
N THR B 364 5.64 -53.74 -21.70
CA THR B 364 6.85 -52.95 -21.53
C THR B 364 6.89 -51.75 -22.48
N ASN B 365 5.85 -50.92 -22.47
CA ASN B 365 5.82 -49.70 -23.26
C ASN B 365 5.68 -48.52 -22.33
N LEU B 366 6.55 -47.52 -22.50
CA LEU B 366 6.56 -46.39 -21.58
C LEU B 366 5.37 -45.47 -21.85
N CYS B 367 4.88 -44.85 -20.77
CA CYS B 367 3.72 -43.98 -20.89
C CYS B 367 4.12 -42.60 -21.40
N PRO B 368 3.29 -41.98 -22.23
CA PRO B 368 3.58 -40.61 -22.68
C PRO B 368 3.50 -39.55 -21.59
N PHE B 369 4.34 -39.64 -20.58
CA PHE B 369 4.44 -38.56 -19.61
C PHE B 369 5.33 -37.44 -20.09
N GLY B 370 6.06 -37.63 -21.18
CA GLY B 370 6.85 -36.57 -21.77
C GLY B 370 6.05 -35.65 -22.67
N GLU B 371 4.83 -36.06 -23.03
CA GLU B 371 3.98 -35.30 -23.93
C GLU B 371 2.97 -34.43 -23.18
N VAL B 372 2.46 -34.89 -22.04
CA VAL B 372 1.57 -34.06 -21.24
C VAL B 372 2.33 -32.94 -20.55
N PHE B 373 3.50 -33.24 -19.98
CA PHE B 373 4.19 -32.24 -19.18
C PHE B 373 4.98 -31.26 -20.03
N ASN B 374 5.61 -31.73 -21.11
CA ASN B 374 6.38 -30.87 -21.98
C ASN B 374 5.61 -30.44 -23.23
N ALA B 375 4.28 -30.49 -23.17
CA ALA B 375 3.44 -30.03 -24.27
C ALA B 375 3.83 -28.62 -24.70
N THR B 376 3.87 -28.41 -26.02
CA THR B 376 4.21 -27.09 -26.55
C THR B 376 3.19 -26.03 -26.13
N ARG B 377 1.91 -26.29 -26.37
CA ARG B 377 0.83 -25.34 -26.11
C ARG B 377 -0.09 -25.89 -25.03
N PHE B 378 -0.07 -25.28 -23.85
CA PHE B 378 -1.08 -25.57 -22.85
C PHE B 378 -2.35 -24.79 -23.15
N ALA B 379 -3.47 -25.30 -22.62
CA ALA B 379 -4.79 -24.84 -23.01
C ALA B 379 -5.42 -23.99 -21.92
N SER B 380 -6.26 -23.04 -22.35
CA SER B 380 -6.96 -22.13 -21.45
C SER B 380 -7.70 -22.92 -20.39
N VAL B 381 -7.86 -22.33 -19.21
CA VAL B 381 -8.46 -23.07 -18.12
C VAL B 381 -9.93 -23.38 -18.39
N TYR B 382 -10.65 -22.48 -19.07
CA TYR B 382 -12.09 -22.67 -19.21
C TYR B 382 -12.42 -23.82 -20.16
N ALA B 383 -11.56 -24.07 -21.15
CA ALA B 383 -11.64 -25.25 -22.01
C ALA B 383 -10.34 -26.02 -21.85
N TRP B 384 -10.27 -26.83 -20.79
CA TRP B 384 -9.09 -27.62 -20.49
C TRP B 384 -9.03 -28.85 -21.41
N ASN B 385 -7.94 -29.59 -21.29
CA ASN B 385 -7.70 -30.77 -22.11
C ASN B 385 -7.74 -32.01 -21.24
N ARG B 386 -7.88 -33.15 -21.90
CA ARG B 386 -7.87 -34.44 -21.24
C ARG B 386 -7.17 -35.44 -22.14
N LYS B 387 -6.24 -36.20 -21.59
CA LYS B 387 -5.60 -37.27 -22.35
C LYS B 387 -5.67 -38.55 -21.52
N ARG B 388 -6.20 -39.61 -22.12
CA ARG B 388 -6.31 -40.91 -21.48
C ARG B 388 -5.15 -41.81 -21.88
N ILE B 389 -4.30 -42.16 -20.92
CA ILE B 389 -3.15 -43.03 -21.14
C ILE B 389 -3.49 -44.45 -20.71
N SER B 390 -3.48 -45.38 -21.65
CA SER B 390 -3.83 -46.77 -21.38
C SER B 390 -2.83 -47.70 -22.05
N ASN B 391 -2.85 -48.97 -21.61
CA ASN B 391 -1.89 -49.99 -22.03
C ASN B 391 -0.45 -49.47 -21.99
N CYS B 392 0.02 -49.23 -20.77
CA CYS B 392 1.34 -48.64 -20.60
C CYS B 392 1.87 -48.93 -19.22
N VAL B 393 3.20 -49.07 -19.15
CA VAL B 393 3.91 -49.23 -17.88
C VAL B 393 4.56 -47.88 -17.57
N ALA B 394 4.22 -47.31 -16.43
CA ALA B 394 4.51 -45.91 -16.17
C ALA B 394 5.23 -45.73 -14.85
N ASP B 395 6.40 -45.12 -14.90
CA ASP B 395 7.20 -44.87 -13.71
C ASP B 395 6.87 -43.50 -13.15
N TYR B 396 6.66 -43.42 -11.83
CA TYR B 396 6.36 -42.16 -11.18
C TYR B 396 7.47 -41.62 -10.30
N SER B 397 8.39 -42.47 -9.86
CA SER B 397 9.43 -42.01 -8.94
C SER B 397 10.32 -40.95 -9.57
N VAL B 398 10.69 -41.13 -10.84
CA VAL B 398 11.47 -40.11 -11.52
C VAL B 398 10.65 -38.84 -11.68
N LEU B 399 9.34 -38.98 -11.94
CA LEU B 399 8.47 -37.82 -11.97
C LEU B 399 8.40 -37.14 -10.61
N TYR B 400 8.36 -37.93 -9.53
CA TYR B 400 8.32 -37.35 -8.19
C TYR B 400 9.61 -36.59 -7.88
N ASN B 401 10.75 -37.13 -8.30
CA ASN B 401 12.04 -36.55 -7.96
C ASN B 401 12.55 -35.56 -8.99
N SER B 402 11.76 -35.27 -10.04
CA SER B 402 12.17 -34.24 -10.99
C SER B 402 12.44 -32.90 -10.30
N ALA B 403 11.76 -32.63 -9.19
CA ALA B 403 12.06 -31.49 -8.31
C ALA B 403 11.92 -30.14 -9.01
N SER B 404 11.26 -30.09 -10.16
CA SER B 404 10.93 -28.85 -10.82
C SER B 404 9.54 -28.35 -10.48
N PHE B 405 8.83 -29.03 -9.59
CA PHE B 405 7.42 -28.75 -9.33
C PHE B 405 7.26 -27.89 -8.09
N SER B 406 6.40 -26.88 -8.20
CA SER B 406 6.08 -26.05 -7.04
C SER B 406 5.17 -26.78 -6.08
N THR B 407 4.19 -27.53 -6.60
CA THR B 407 3.25 -28.25 -5.76
C THR B 407 3.00 -29.63 -6.33
N PHE B 408 3.21 -30.66 -5.52
CA PHE B 408 2.94 -32.04 -5.90
C PHE B 408 2.20 -32.68 -4.73
N LYS B 409 0.89 -32.83 -4.86
CA LYS B 409 0.09 -33.39 -3.78
C LYS B 409 -0.78 -34.52 -4.31
N CYS B 410 -1.01 -35.54 -3.48
CA CYS B 410 -1.86 -36.65 -3.86
C CYS B 410 -2.92 -36.89 -2.81
N TYR B 411 -4.05 -37.42 -3.25
CA TYR B 411 -5.22 -37.66 -2.40
C TYR B 411 -5.75 -39.04 -2.68
N GLY B 412 -6.04 -39.80 -1.62
CA GLY B 412 -6.50 -41.16 -1.72
C GLY B 412 -5.47 -42.16 -2.21
N VAL B 413 -4.24 -41.71 -2.50
CA VAL B 413 -3.15 -42.58 -2.92
C VAL B 413 -1.90 -42.14 -2.18
N SER B 414 -1.17 -43.10 -1.62
CA SER B 414 0.08 -42.75 -0.95
C SER B 414 1.14 -42.41 -1.99
N PRO B 415 2.00 -41.43 -1.72
CA PRO B 415 2.93 -40.96 -2.76
C PRO B 415 3.86 -42.02 -3.31
N THR B 416 4.31 -42.96 -2.47
CA THR B 416 5.24 -43.98 -2.92
C THR B 416 4.56 -45.27 -3.36
N LYS B 417 3.41 -45.61 -2.80
CA LYS B 417 2.74 -46.85 -3.18
C LYS B 417 2.36 -46.86 -4.65
N LEU B 418 1.93 -45.71 -5.19
CA LEU B 418 1.49 -45.64 -6.59
C LEU B 418 2.56 -46.10 -7.56
N ASN B 419 3.82 -46.22 -7.12
CA ASN B 419 4.87 -46.68 -8.01
C ASN B 419 4.62 -48.11 -8.47
N ASP B 420 3.96 -48.92 -7.63
CA ASP B 420 3.67 -50.33 -7.95
C ASP B 420 2.19 -50.58 -7.65
N LEU B 421 1.32 -50.17 -8.58
CA LEU B 421 -0.11 -50.37 -8.41
C LEU B 421 -0.73 -50.58 -9.78
N CYS B 422 -1.96 -51.13 -9.77
CA CYS B 422 -2.68 -51.46 -10.99
C CYS B 422 -3.98 -50.68 -11.06
N PHE B 423 -4.13 -49.87 -12.12
CA PHE B 423 -5.37 -49.14 -12.36
C PHE B 423 -5.91 -49.51 -13.73
N THR B 424 -7.19 -49.22 -13.95
CA THR B 424 -7.77 -49.52 -15.26
C THR B 424 -7.51 -48.41 -16.28
N ASN B 425 -7.48 -47.15 -15.85
CA ASN B 425 -7.15 -46.07 -16.75
C ASN B 425 -6.59 -44.90 -15.98
N VAL B 426 -5.86 -44.05 -16.69
CA VAL B 426 -5.25 -42.85 -16.13
C VAL B 426 -5.57 -41.69 -17.06
N TYR B 427 -6.02 -40.58 -16.50
CA TYR B 427 -6.32 -39.37 -17.26
C TYR B 427 -5.39 -38.24 -16.83
N ALA B 428 -5.21 -37.27 -17.71
CA ALA B 428 -4.35 -36.14 -17.41
C ALA B 428 -4.97 -34.86 -17.98
N ASP B 429 -5.27 -33.91 -17.08
CA ASP B 429 -5.94 -32.65 -17.42
C ASP B 429 -4.98 -31.50 -17.21
N SER B 430 -4.61 -30.81 -18.29
CA SER B 430 -3.55 -29.81 -18.29
C SER B 430 -4.06 -28.44 -18.67
N PHE B 431 -3.77 -27.44 -17.85
CA PHE B 431 -4.21 -26.06 -18.13
C PHE B 431 -3.25 -25.07 -17.46
N VAL B 432 -3.65 -23.79 -17.45
CA VAL B 432 -2.82 -22.68 -16.97
C VAL B 432 -3.69 -21.76 -16.13
N ILE B 433 -3.19 -21.36 -14.96
CA ILE B 433 -3.89 -20.43 -14.08
C ILE B 433 -2.90 -19.47 -13.45
N ARG B 434 -3.40 -18.51 -12.69
CA ARG B 434 -2.53 -17.67 -11.88
C ARG B 434 -2.02 -18.45 -10.68
N GLY B 435 -0.96 -17.91 -10.07
CA GLY B 435 -0.36 -18.59 -8.93
C GLY B 435 -1.28 -18.64 -7.73
N ASP B 436 -2.06 -17.59 -7.51
CA ASP B 436 -2.85 -17.48 -6.30
C ASP B 436 -4.01 -18.48 -6.28
N GLU B 437 -4.58 -18.81 -7.44
CA GLU B 437 -5.75 -19.68 -7.48
C GLU B 437 -5.41 -21.17 -7.53
N VAL B 438 -4.12 -21.54 -7.45
CA VAL B 438 -3.76 -22.95 -7.43
C VAL B 438 -4.35 -23.62 -6.20
N ARG B 439 -4.54 -22.85 -5.12
CA ARG B 439 -5.15 -23.38 -3.93
C ARG B 439 -6.55 -23.93 -4.20
N GLN B 440 -7.26 -23.36 -5.17
CA GLN B 440 -8.61 -23.81 -5.45
C GLN B 440 -8.68 -25.14 -6.19
N ILE B 441 -7.54 -25.65 -6.66
CA ILE B 441 -7.51 -26.95 -7.34
C ILE B 441 -7.32 -27.99 -6.25
N ALA B 442 -8.43 -28.42 -5.65
CA ALA B 442 -8.47 -29.39 -4.57
C ALA B 442 -9.93 -29.71 -4.27
N PRO B 443 -10.24 -30.89 -3.74
CA PRO B 443 -11.62 -31.19 -3.39
C PRO B 443 -12.16 -30.25 -2.32
N GLY B 444 -13.42 -29.87 -2.47
CA GLY B 444 -14.09 -29.02 -1.49
C GLY B 444 -13.57 -27.61 -1.36
N GLN B 445 -13.31 -26.93 -2.48
CA GLN B 445 -12.90 -25.53 -2.47
C GLN B 445 -13.82 -24.71 -3.35
N THR B 446 -13.79 -23.39 -3.16
CA THR B 446 -14.72 -22.49 -3.82
C THR B 446 -13.96 -21.27 -4.34
N GLY B 447 -14.55 -20.63 -5.33
CA GLY B 447 -13.95 -19.48 -5.99
C GLY B 447 -14.40 -19.42 -7.43
N LYS B 448 -13.85 -18.43 -8.14
CA LYS B 448 -14.19 -18.26 -9.55
C LYS B 448 -13.60 -19.36 -10.44
N ILE B 449 -12.70 -20.19 -9.92
CA ILE B 449 -12.13 -21.30 -10.69
C ILE B 449 -12.82 -22.62 -10.37
N ALA B 450 -13.07 -22.90 -9.11
CA ALA B 450 -13.68 -24.16 -8.70
C ALA B 450 -15.20 -24.11 -8.72
N ASP B 451 -15.79 -23.02 -9.19
CA ASP B 451 -17.23 -22.94 -9.37
C ASP B 451 -17.65 -22.94 -10.83
N TYR B 452 -17.00 -22.15 -11.66
CA TYR B 452 -17.39 -22.01 -13.05
C TYR B 452 -16.35 -22.53 -14.03
N ASN B 453 -15.18 -22.97 -13.58
CA ASN B 453 -14.14 -23.38 -14.51
C ASN B 453 -13.80 -24.87 -14.41
N TYR B 454 -13.38 -25.37 -13.24
CA TYR B 454 -12.93 -26.75 -13.12
C TYR B 454 -13.27 -27.26 -11.73
N LYS B 455 -14.21 -28.18 -11.64
CA LYS B 455 -14.68 -28.71 -10.36
C LYS B 455 -14.24 -30.15 -10.19
N LEU B 456 -13.66 -30.46 -9.03
CA LEU B 456 -13.17 -31.76 -8.59
C LEU B 456 -14.12 -32.37 -7.58
N PRO B 457 -14.28 -33.70 -7.59
CA PRO B 457 -15.12 -34.34 -6.58
C PRO B 457 -14.36 -34.52 -5.28
N ASP B 458 -15.11 -34.88 -4.23
CA ASP B 458 -14.49 -35.06 -2.92
C ASP B 458 -13.65 -36.35 -2.88
N ASP B 459 -14.18 -37.44 -3.41
CA ASP B 459 -13.43 -38.71 -3.48
C ASP B 459 -12.55 -38.69 -4.72
N PHE B 460 -11.42 -37.98 -4.59
CA PHE B 460 -10.45 -37.85 -5.67
C PHE B 460 -9.31 -38.84 -5.43
N THR B 461 -8.94 -39.57 -6.49
CA THR B 461 -7.90 -40.59 -6.41
C THR B 461 -6.66 -40.23 -7.22
N GLY B 462 -6.41 -38.94 -7.44
CA GLY B 462 -5.33 -38.54 -8.33
C GLY B 462 -4.25 -37.70 -7.69
N CYS B 463 -3.44 -37.02 -8.49
CA CYS B 463 -2.33 -36.21 -7.97
C CYS B 463 -2.25 -34.90 -8.74
N VAL B 464 -2.24 -33.80 -8.00
CA VAL B 464 -2.16 -32.46 -8.56
C VAL B 464 -0.71 -32.01 -8.61
N ILE B 465 -0.25 -31.59 -9.80
CA ILE B 465 1.12 -31.14 -10.04
C ILE B 465 1.05 -29.75 -10.62
N ALA B 466 1.84 -28.82 -10.09
CA ALA B 466 1.80 -27.46 -10.60
C ALA B 466 3.19 -26.85 -10.53
N TRP B 467 3.58 -26.15 -11.60
CA TRP B 467 4.90 -25.54 -11.64
C TRP B 467 4.85 -24.21 -12.36
N ASN B 468 5.59 -23.24 -11.81
CA ASN B 468 5.61 -21.90 -12.37
C ASN B 468 6.17 -21.94 -13.79
N SER B 469 5.60 -21.12 -14.67
CA SER B 469 6.06 -21.08 -16.05
C SER B 469 6.15 -19.65 -16.54
N ASN B 470 6.66 -18.75 -15.69
CA ASN B 470 6.76 -17.35 -16.07
C ASN B 470 7.58 -17.18 -17.34
N ASN B 471 8.70 -17.89 -17.45
CA ASN B 471 9.62 -17.69 -18.56
C ASN B 471 8.95 -17.99 -19.91
N LEU B 472 8.22 -19.08 -20.01
CA LEU B 472 7.69 -19.50 -21.31
C LEU B 472 6.55 -18.61 -21.79
N ASP B 473 5.58 -18.32 -20.93
CA ASP B 473 4.30 -17.79 -21.37
C ASP B 473 3.92 -16.45 -20.73
N SER B 474 4.91 -15.59 -20.50
CA SER B 474 4.66 -14.18 -20.24
C SER B 474 5.58 -13.34 -21.11
N LYS B 475 5.11 -12.15 -21.47
CA LYS B 475 5.90 -11.28 -22.34
C LYS B 475 5.56 -9.84 -22.00
N VAL B 476 6.44 -8.93 -22.44
CA VAL B 476 6.22 -7.52 -22.19
C VAL B 476 4.99 -7.05 -22.95
N GLY B 477 4.20 -6.18 -22.31
CA GLY B 477 2.96 -5.72 -22.87
C GLY B 477 1.75 -6.59 -22.58
N GLY B 478 1.96 -7.81 -22.13
CA GLY B 478 0.84 -8.66 -21.75
C GLY B 478 0.65 -9.87 -22.65
N ASN B 479 0.26 -10.99 -22.04
CA ASN B 479 -0.09 -12.21 -22.76
C ASN B 479 -1.57 -12.48 -22.50
N TYR B 480 -2.43 -11.96 -23.36
CA TYR B 480 -3.88 -11.98 -23.16
C TYR B 480 -4.56 -13.15 -23.85
N ASN B 481 -3.85 -14.28 -24.03
CA ASN B 481 -4.44 -15.42 -24.73
C ASN B 481 -5.31 -16.28 -23.82
N TYR B 482 -4.97 -16.39 -22.54
CA TYR B 482 -5.60 -17.37 -21.67
C TYR B 482 -6.84 -16.77 -21.05
N LEU B 483 -8.01 -17.19 -21.54
CA LEU B 483 -9.31 -16.73 -21.07
C LEU B 483 -9.79 -17.61 -19.93
N TYR B 484 -10.64 -17.06 -19.08
CA TYR B 484 -11.28 -17.83 -18.04
C TYR B 484 -12.70 -17.33 -17.83
N ARG B 485 -13.63 -18.27 -17.62
CA ARG B 485 -15.02 -17.93 -17.39
C ARG B 485 -15.17 -17.15 -16.09
N LEU B 486 -15.98 -16.11 -16.12
CA LEU B 486 -16.17 -15.25 -14.96
C LEU B 486 -17.58 -15.27 -14.42
N PHE B 487 -18.59 -15.45 -15.27
CA PHE B 487 -19.99 -15.41 -14.86
C PHE B 487 -20.68 -16.67 -15.34
N ARG B 488 -21.32 -17.39 -14.43
CA ARG B 488 -22.09 -18.56 -14.82
C ARG B 488 -23.31 -18.67 -13.92
N LYS B 489 -24.41 -19.15 -14.48
CA LYS B 489 -25.66 -19.23 -13.73
C LYS B 489 -25.55 -20.18 -12.55
N SER B 490 -24.85 -21.30 -12.71
CA SER B 490 -24.79 -22.33 -11.69
C SER B 490 -23.42 -22.99 -11.67
N ASN B 491 -23.11 -23.61 -10.54
CA ASN B 491 -21.81 -24.24 -10.36
C ASN B 491 -21.66 -25.47 -11.24
N LEU B 492 -20.41 -25.82 -11.52
CA LEU B 492 -20.07 -26.90 -12.43
C LEU B 492 -20.05 -28.24 -11.70
N LYS B 493 -20.74 -29.22 -12.25
CA LYS B 493 -20.68 -30.57 -11.71
C LYS B 493 -19.25 -31.11 -11.87
N PRO B 494 -18.82 -32.00 -10.99
CA PRO B 494 -17.45 -32.51 -11.06
C PRO B 494 -17.13 -33.08 -12.44
N PHE B 495 -16.04 -32.58 -13.03
CA PHE B 495 -15.57 -32.98 -14.35
C PHE B 495 -16.63 -32.74 -15.43
N GLU B 496 -17.00 -31.48 -15.59
CA GLU B 496 -17.86 -31.07 -16.69
C GLU B 496 -17.31 -29.78 -17.26
N ARG B 497 -17.47 -29.63 -18.58
CA ARG B 497 -16.89 -28.53 -19.33
C ARG B 497 -18.00 -27.82 -20.09
N ASP B 498 -18.12 -26.51 -19.86
CA ASP B 498 -19.07 -25.68 -20.57
C ASP B 498 -18.27 -24.58 -21.25
N ILE B 499 -18.16 -24.65 -22.57
CA ILE B 499 -17.34 -23.71 -23.34
C ILE B 499 -18.22 -22.79 -24.18
N SER B 500 -19.44 -22.54 -23.73
CA SER B 500 -20.35 -21.66 -24.44
C SER B 500 -20.06 -20.20 -24.12
N THR B 501 -20.55 -19.33 -24.99
CA THR B 501 -20.41 -17.89 -24.82
C THR B 501 -21.78 -17.25 -24.70
N GLU B 502 -22.66 -17.83 -23.90
CA GLU B 502 -23.94 -17.21 -23.60
C GLU B 502 -23.73 -15.87 -22.91
N ILE B 503 -24.49 -14.87 -23.35
CA ILE B 503 -24.42 -13.55 -22.75
C ILE B 503 -25.10 -13.59 -21.39
N TYR B 504 -24.37 -13.27 -20.34
CA TYR B 504 -24.91 -13.31 -19.00
C TYR B 504 -25.92 -12.20 -18.81
N GLN B 505 -27.17 -12.58 -18.60
CA GLN B 505 -28.27 -11.67 -18.30
C GLN B 505 -28.31 -11.50 -16.80
N ALA B 506 -27.62 -10.48 -16.30
CA ALA B 506 -27.38 -10.35 -14.87
C ALA B 506 -28.56 -9.77 -14.11
N GLY B 507 -29.56 -9.23 -14.79
CA GLY B 507 -30.66 -8.56 -14.11
C GLY B 507 -32.03 -9.11 -14.46
N SER B 508 -32.90 -8.24 -14.95
CA SER B 508 -34.26 -8.62 -15.30
C SER B 508 -34.61 -8.42 -16.76
N THR B 509 -34.05 -7.40 -17.42
CA THR B 509 -34.40 -7.12 -18.79
C THR B 509 -33.90 -8.23 -19.71
N PRO B 510 -34.64 -8.58 -20.75
CA PRO B 510 -34.10 -9.49 -21.78
C PRO B 510 -32.92 -8.83 -22.48
N CYS B 511 -31.87 -9.61 -22.69
CA CYS B 511 -30.63 -9.04 -23.20
C CYS B 511 -30.56 -9.03 -24.72
N ASN B 512 -31.43 -9.79 -25.40
CA ASN B 512 -31.60 -9.82 -26.85
C ASN B 512 -30.40 -10.37 -27.60
N GLY B 513 -29.32 -10.73 -26.92
CA GLY B 513 -28.13 -11.23 -27.58
C GLY B 513 -27.04 -10.21 -27.83
N VAL B 514 -27.11 -9.04 -27.20
CA VAL B 514 -26.07 -8.02 -27.29
C VAL B 514 -25.75 -7.54 -25.89
N GLU B 515 -24.49 -7.13 -25.68
CA GLU B 515 -24.05 -6.69 -24.38
C GLU B 515 -24.40 -5.21 -24.20
N GLY B 516 -23.94 -4.63 -23.10
CA GLY B 516 -24.25 -3.25 -22.79
C GLY B 516 -24.47 -3.05 -21.31
N PHE B 517 -25.61 -2.47 -20.93
CA PHE B 517 -25.95 -2.37 -19.52
C PHE B 517 -26.58 -3.67 -19.06
N ASN B 518 -25.98 -4.28 -18.04
CA ASN B 518 -26.48 -5.44 -17.31
C ASN B 518 -26.43 -6.73 -18.12
N CYS B 519 -25.85 -6.72 -19.33
CA CYS B 519 -25.60 -7.92 -20.11
C CYS B 519 -24.10 -8.05 -20.30
N TYR B 520 -23.50 -9.02 -19.61
CA TYR B 520 -22.06 -9.15 -19.51
C TYR B 520 -21.58 -10.36 -20.29
N PHE B 521 -20.53 -10.20 -21.09
CA PHE B 521 -19.90 -11.36 -21.72
C PHE B 521 -19.11 -12.12 -20.68
N PRO B 522 -19.27 -13.45 -20.58
CA PRO B 522 -18.78 -14.17 -19.40
C PRO B 522 -17.33 -14.61 -19.42
N LEU B 523 -16.61 -14.48 -20.54
CA LEU B 523 -15.22 -14.90 -20.64
C LEU B 523 -14.33 -13.68 -20.50
N GLN B 524 -13.43 -13.68 -19.53
CA GLN B 524 -12.52 -12.57 -19.35
C GLN B 524 -11.09 -13.09 -19.36
N SER B 525 -10.18 -12.29 -19.92
CA SER B 525 -8.86 -12.78 -20.31
C SER B 525 -7.79 -12.40 -19.30
N TYR B 526 -6.99 -13.38 -18.90
CA TYR B 526 -5.90 -13.17 -17.96
C TYR B 526 -4.86 -12.23 -18.55
N GLY B 527 -4.29 -11.37 -17.71
CA GLY B 527 -3.20 -10.53 -18.13
C GLY B 527 -1.89 -10.89 -17.47
N PHE B 528 -0.95 -11.45 -18.22
CA PHE B 528 0.34 -11.88 -17.70
C PHE B 528 1.43 -10.95 -18.19
N GLN B 529 2.33 -10.56 -17.30
CA GLN B 529 3.50 -9.76 -17.61
C GLN B 529 4.68 -10.28 -16.82
N PRO B 530 5.91 -10.00 -17.27
CA PRO B 530 7.08 -10.56 -16.58
C PRO B 530 7.38 -9.93 -15.23
N THR B 531 6.88 -8.72 -14.97
CA THR B 531 7.26 -7.96 -13.79
C THR B 531 6.30 -8.14 -12.63
N ASN B 532 5.29 -9.00 -12.78
CA ASN B 532 4.24 -9.16 -11.79
C ASN B 532 4.79 -9.85 -10.54
N GLY B 533 3.94 -9.95 -9.53
CA GLY B 533 4.31 -10.64 -8.31
C GLY B 533 4.16 -12.13 -8.46
N VAL B 534 4.47 -12.85 -7.39
CA VAL B 534 4.28 -14.30 -7.42
C VAL B 534 2.80 -14.64 -7.49
N GLY B 535 1.96 -13.85 -6.82
CA GLY B 535 0.54 -14.14 -6.78
C GLY B 535 -0.16 -13.99 -8.11
N TYR B 536 0.42 -13.25 -9.05
CA TYR B 536 -0.19 -13.00 -10.34
C TYR B 536 0.60 -13.61 -11.49
N GLN B 537 1.41 -14.63 -11.22
CA GLN B 537 2.26 -15.20 -12.24
C GLN B 537 1.77 -16.57 -12.69
N PRO B 538 1.99 -16.92 -13.96
CA PRO B 538 1.32 -18.08 -14.57
C PRO B 538 1.91 -19.41 -14.13
N TYR B 539 1.08 -20.25 -13.52
CA TYR B 539 1.43 -21.61 -13.16
C TYR B 539 0.74 -22.57 -14.11
N ARG B 540 1.48 -23.55 -14.61
CA ARG B 540 0.89 -24.63 -15.40
C ARG B 540 0.57 -25.78 -14.47
N VAL B 541 -0.65 -26.32 -14.60
CA VAL B 541 -1.15 -27.35 -13.70
C VAL B 541 -1.54 -28.58 -14.52
N VAL B 542 -1.10 -29.75 -14.04
CA VAL B 542 -1.48 -31.05 -14.59
C VAL B 542 -2.10 -31.87 -13.48
N VAL B 543 -3.32 -32.32 -13.67
CA VAL B 543 -4.06 -33.11 -12.69
C VAL B 543 -4.16 -34.53 -13.22
N LEU B 544 -3.49 -35.47 -12.56
CA LEU B 544 -3.61 -36.88 -12.89
C LEU B 544 -4.80 -37.50 -12.14
N SER B 545 -5.49 -38.41 -12.83
CA SER B 545 -6.60 -39.13 -12.24
C SER B 545 -6.43 -40.61 -12.52
N PHE B 546 -6.69 -41.44 -11.51
CA PHE B 546 -6.56 -42.89 -11.60
C PHE B 546 -7.92 -43.52 -11.40
N GLU B 547 -8.40 -44.30 -12.37
CA GLU B 547 -9.69 -44.96 -12.27
C GLU B 547 -9.51 -46.47 -12.38
N LEU B 548 -10.31 -47.20 -11.61
CA LEU B 548 -10.26 -48.66 -11.56
C LEU B 548 -11.66 -49.22 -11.79
N LEU B 549 -11.75 -50.20 -12.69
CA LEU B 549 -13.01 -50.86 -13.01
C LEU B 549 -12.81 -52.38 -12.98
N HIS B 550 -13.86 -53.10 -13.35
CA HIS B 550 -13.80 -54.56 -13.42
C HIS B 550 -12.97 -55.06 -14.58
N ALA B 551 -12.65 -54.21 -15.53
CA ALA B 551 -11.97 -54.62 -16.74
C ALA B 551 -10.56 -55.10 -16.41
N PRO B 552 -9.91 -55.82 -17.32
CA PRO B 552 -8.52 -56.25 -17.07
C PRO B 552 -7.59 -55.07 -16.99
N ALA B 553 -6.73 -55.08 -15.97
CA ALA B 553 -5.82 -53.97 -15.71
C ALA B 553 -5.08 -53.56 -16.97
N THR B 554 -4.79 -52.27 -17.08
CA THR B 554 -4.11 -51.72 -18.24
C THR B 554 -2.97 -50.76 -17.92
N VAL B 555 -2.96 -50.13 -16.75
CA VAL B 555 -1.82 -49.34 -16.30
C VAL B 555 -1.30 -50.02 -15.04
N CYS B 556 -0.20 -50.76 -15.19
CA CYS B 556 0.39 -51.53 -14.10
C CYS B 556 1.90 -51.46 -14.25
N GLY B 557 2.60 -50.87 -13.30
CA GLY B 557 4.04 -50.94 -13.33
C GLY B 557 4.76 -49.80 -12.63
N PRO B 558 6.09 -49.85 -12.65
CA PRO B 558 6.81 -51.01 -13.16
C PRO B 558 7.21 -51.97 -12.05
N LYS B 559 7.27 -53.27 -12.36
CA LYS B 559 7.69 -54.28 -11.39
C LYS B 559 7.84 -55.61 -12.11
N LYS B 560 9.02 -56.21 -12.06
CA LYS B 560 9.25 -57.45 -12.77
C LYS B 560 8.47 -58.60 -12.14
N SER B 561 7.97 -59.49 -12.98
CA SER B 561 7.19 -60.64 -12.52
C SER B 561 8.09 -61.85 -12.32
N THR B 562 7.49 -62.92 -11.80
CA THR B 562 8.24 -64.15 -11.52
C THR B 562 7.49 -65.38 -12.04
N ASN B 563 7.96 -66.56 -11.67
CA ASN B 563 7.33 -67.80 -12.09
C ASN B 563 6.12 -68.11 -11.21
N LEU B 564 5.35 -69.10 -11.67
CA LEU B 564 4.13 -69.53 -10.99
C LEU B 564 4.31 -70.96 -10.50
N VAL B 565 4.05 -71.18 -9.21
CA VAL B 565 4.22 -72.48 -8.58
C VAL B 565 2.90 -72.88 -7.93
N LYS B 566 2.65 -74.18 -7.93
CA LYS B 566 1.41 -74.74 -7.39
C LYS B 566 1.73 -75.86 -6.42
N ASN B 567 0.74 -76.16 -5.57
CA ASN B 567 0.73 -77.23 -4.55
C ASN B 567 1.53 -76.88 -3.31
N LYS B 568 2.09 -75.67 -3.21
CA LYS B 568 2.76 -75.20 -2.01
C LYS B 568 1.99 -74.02 -1.46
N CYS B 569 2.28 -73.65 -0.22
CA CYS B 569 1.62 -72.50 0.40
C CYS B 569 2.57 -71.31 0.24
N VAL B 570 2.26 -70.43 -0.71
CA VAL B 570 3.21 -69.42 -1.15
C VAL B 570 2.58 -68.03 -1.03
N ASN B 571 3.45 -67.02 -1.06
CA ASN B 571 3.02 -65.63 -1.08
C ASN B 571 2.90 -65.16 -2.52
N PHE B 572 1.84 -64.40 -2.80
CA PHE B 572 1.55 -63.99 -4.17
C PHE B 572 1.11 -62.53 -4.21
N ASN B 573 1.41 -61.91 -5.35
CA ASN B 573 1.06 -60.52 -5.64
C ASN B 573 0.53 -60.46 -7.08
N PHE B 574 -0.79 -60.49 -7.22
CA PHE B 574 -1.41 -60.38 -8.53
C PHE B 574 -1.99 -58.97 -8.68
N ASN B 575 -1.49 -58.22 -9.64
CA ASN B 575 -2.02 -56.88 -9.96
C ASN B 575 -2.21 -56.03 -8.71
N GLY B 576 -1.23 -56.06 -7.82
CA GLY B 576 -1.25 -55.25 -6.63
C GLY B 576 -2.02 -55.84 -5.47
N LEU B 577 -2.67 -56.99 -5.66
CA LEU B 577 -3.38 -57.67 -4.59
C LEU B 577 -2.41 -58.66 -3.94
N THR B 578 -2.40 -58.66 -2.60
CA THR B 578 -1.47 -59.43 -1.79
C THR B 578 -2.20 -60.60 -1.14
N GLY B 579 -1.54 -61.76 -1.10
CA GLY B 579 -2.16 -62.88 -0.42
C GLY B 579 -1.18 -64.01 -0.16
N THR B 580 -1.56 -64.87 0.80
CA THR B 580 -0.74 -65.99 1.23
C THR B 580 -1.61 -67.25 1.22
N GLY B 581 -1.30 -68.20 0.35
CA GLY B 581 -2.09 -69.40 0.28
C GLY B 581 -1.56 -70.34 -0.78
N VAL B 582 -2.19 -71.50 -0.86
CA VAL B 582 -1.88 -72.45 -1.93
C VAL B 582 -2.70 -72.08 -3.15
N LEU B 583 -2.02 -71.94 -4.29
CA LEU B 583 -2.68 -71.65 -5.55
C LEU B 583 -2.87 -72.95 -6.30
N THR B 584 -4.10 -73.21 -6.75
CA THR B 584 -4.42 -74.46 -7.42
C THR B 584 -5.00 -74.21 -8.80
N GLU B 585 -4.77 -75.14 -9.71
CA GLU B 585 -5.33 -75.02 -11.05
C GLU B 585 -6.81 -75.35 -11.02
N SER B 586 -7.59 -74.64 -11.83
CA SER B 586 -9.02 -74.92 -11.93
C SER B 586 -9.43 -75.16 -13.38
N ASP B 605 -10.92 -65.56 -3.82
CA ASP B 605 -10.88 -67.01 -3.68
C ASP B 605 -10.54 -67.67 -5.01
N ALA B 606 -10.57 -66.86 -6.07
CA ALA B 606 -10.20 -67.32 -7.41
C ALA B 606 -9.61 -66.12 -8.14
N VAL B 607 -8.29 -66.08 -8.26
CA VAL B 607 -7.58 -64.93 -8.82
C VAL B 607 -6.99 -65.32 -10.16
N ARG B 608 -7.43 -64.64 -11.21
CA ARG B 608 -7.00 -64.95 -12.56
C ARG B 608 -5.53 -64.58 -12.75
N ASP B 609 -4.76 -65.44 -13.42
CA ASP B 609 -3.39 -65.06 -13.75
C ASP B 609 -3.39 -64.02 -14.86
N PRO B 610 -2.73 -62.91 -14.68
CA PRO B 610 -2.82 -61.85 -15.70
C PRO B 610 -2.17 -62.22 -17.03
N GLN B 611 -0.97 -62.79 -17.00
CA GLN B 611 -0.20 -62.99 -18.21
C GLN B 611 -0.86 -63.97 -19.17
N THR B 612 -1.34 -65.11 -18.68
CA THR B 612 -1.90 -66.15 -19.53
C THR B 612 -3.42 -66.22 -19.48
N LEU B 613 -4.06 -65.40 -18.64
CA LEU B 613 -5.52 -65.33 -18.53
C LEU B 613 -6.15 -66.66 -18.12
N GLU B 614 -5.48 -67.41 -17.23
CA GLU B 614 -6.08 -68.59 -16.63
C GLU B 614 -6.78 -68.21 -15.33
N ILE B 615 -7.54 -69.15 -14.78
CA ILE B 615 -8.16 -68.98 -13.47
C ILE B 615 -7.44 -69.87 -12.47
N LEU B 616 -6.91 -69.27 -11.41
CA LEU B 616 -6.19 -69.99 -10.38
C LEU B 616 -6.93 -69.85 -9.06
N ASP B 617 -7.35 -70.97 -8.47
CA ASP B 617 -8.04 -70.96 -7.20
C ASP B 617 -7.07 -70.74 -6.05
N ILE B 618 -7.62 -70.47 -4.86
CA ILE B 618 -6.86 -70.17 -3.66
C ILE B 618 -7.41 -71.00 -2.51
N THR B 619 -6.51 -71.65 -1.75
CA THR B 619 -6.91 -72.43 -0.58
C THR B 619 -5.94 -72.16 0.56
N PRO B 620 -6.43 -71.85 1.75
CA PRO B 620 -5.51 -71.61 2.88
C PRO B 620 -4.71 -72.86 3.20
N CYS B 621 -3.48 -72.65 3.65
CA CYS B 621 -2.63 -73.80 3.96
C CYS B 621 -2.70 -74.13 5.45
C1 NAG C . 17.57 -8.58 18.63
C2 NAG C . 18.63 -7.56 18.98
C3 NAG C . 19.88 -7.79 18.14
C4 NAG C . 20.37 -9.22 18.32
C5 NAG C . 19.24 -10.19 17.99
C6 NAG C . 19.60 -11.63 18.25
C7 NAG C . 18.51 -5.17 19.55
C8 NAG C . 17.87 -3.85 19.22
N2 NAG C . 18.12 -6.21 18.79
O3 NAG C . 20.90 -6.87 18.52
O4 NAG C . 21.45 -9.47 17.43
O5 NAG C . 18.09 -9.91 18.82
O6 NAG C . 19.61 -12.39 17.03
O7 NAG C . 19.32 -5.29 20.46
C1 NAG C . 22.71 -9.51 18.13
C2 NAG C . 23.68 -10.39 17.33
C3 NAG C . 25.04 -10.41 18.02
C4 NAG C . 25.55 -9.00 18.20
C5 NAG C . 24.53 -8.18 18.98
C6 NAG C . 24.92 -6.73 19.13
C7 NAG C . 22.90 -12.59 18.13
C8 NAG C . 22.38 -13.94 17.71
N2 NAG C . 23.16 -11.74 17.14
O3 NAG C . 25.95 -11.16 17.21
O4 NAG C . 26.78 -9.01 18.91
O5 NAG C . 23.26 -8.20 18.30
O6 NAG C . 25.95 -6.38 18.22
O7 NAG C . 23.07 -12.30 19.32
C1 NAG D . 15.74 6.02 -22.19
C2 NAG D . 16.16 4.57 -22.37
C3 NAG D . 17.02 4.44 -23.63
C4 NAG D . 16.23 4.97 -24.83
C5 NAG D . 15.83 6.42 -24.56
C6 NAG D . 14.98 7.01 -25.66
C7 NAG D . 16.91 2.80 -20.87
C8 NAG D . 17.70 2.45 -19.64
N2 NAG D . 16.88 4.09 -21.21
O3 NAG D . 17.34 3.07 -23.83
O4 NAG D . 17.04 4.91 -26.00
O5 NAG D . 15.04 6.48 -23.36
O6 NAG D . 14.83 6.08 -26.74
O7 NAG D . 16.32 1.94 -21.53
C1 NAG E . -20.71 -8.25 1.57
C2 NAG E . -20.86 -9.14 2.80
C3 NAG E . -19.57 -9.92 3.04
C4 NAG E . -19.21 -10.70 1.79
C5 NAG E . -19.11 -9.75 0.60
C6 NAG E . -18.83 -10.45 -0.70
C7 NAG E . -22.01 -8.82 4.95
C8 NAG E . -22.26 -7.88 6.09
N2 NAG E . -21.21 -8.36 3.98
O3 NAG E . -19.76 -10.81 4.14
O4 NAG E . -17.96 -11.36 1.97
O5 NAG E . -20.35 -9.05 0.44
O6 NAG E . -18.87 -9.55 -1.79
O7 NAG E . -22.49 -9.95 4.92
C1 NAG F . -24.62 13.36 -10.33
C2 NAG F . -25.44 13.16 -9.05
C3 NAG F . -26.70 12.35 -9.37
C4 NAG F . -27.49 13.05 -10.45
C5 NAG F . -26.60 13.25 -11.69
C6 NAG F . -27.30 14.02 -12.79
C7 NAG F . -24.71 12.87 -6.73
C8 NAG F . -23.84 12.09 -5.79
N2 NAG F . -24.66 12.50 -8.02
O3 NAG F . -27.48 12.22 -8.19
O4 NAG F . -28.63 12.27 -10.82
O5 NAG F . -25.44 14.00 -11.33
O6 NAG F . -28.71 13.93 -12.67
O7 NAG F . -25.42 13.78 -6.35
C1 NAG G . 12.46 -14.42 4.92
C2 NAG G . 13.56 -15.06 4.07
C3 NAG G . 14.22 -16.18 4.85
C4 NAG G . 14.76 -15.65 6.17
C5 NAG G . 13.63 -14.98 6.95
C6 NAG G . 14.10 -14.32 8.23
C7 NAG G . 12.99 -14.84 1.69
C8 NAG G . 12.40 -15.52 0.49
N2 NAG G . 13.02 -15.56 2.82
O3 NAG G . 15.29 -16.73 4.08
O4 NAG G . 15.30 -16.71 6.95
O5 NAG G . 13.03 -13.94 6.15
O6 NAG G . 15.23 -13.50 8.00
O7 NAG G . 13.43 -13.69 1.64
C1 NAG H . 21.19 17.15 33.83
C2 NAG H . 22.62 17.18 34.34
C3 NAG H . 22.86 18.44 35.16
C4 NAG H . 22.52 19.67 34.33
C5 NAG H . 21.08 19.55 33.82
C6 NAG H . 20.68 20.69 32.92
C7 NAG H . 22.31 15.64 36.26
C8 NAG H . 22.78 14.38 36.91
N2 NAG H . 22.93 15.98 35.12
O3 NAG H . 24.22 18.48 35.57
O4 NAG H . 22.64 20.84 35.12
O5 NAG H . 20.92 18.34 33.06
O6 NAG H . 21.56 21.81 33.05
O7 NAG H . 21.41 16.33 36.75
ZN ZN I . 6.46 9.41 3.49
C1 NAG J . 10.53 -32.62 -20.11
C2 NAG J . 11.02 -34.04 -19.86
C3 NAG J . 12.19 -34.03 -18.87
C4 NAG J . 13.29 -33.11 -19.38
C5 NAG J . 12.72 -31.73 -19.63
C6 NAG J . 13.73 -30.77 -20.24
C7 NAG J . 9.32 -34.74 -18.20
C8 NAG J . 8.25 -35.74 -17.89
N2 NAG J . 9.95 -34.90 -19.37
O3 NAG J . 12.68 -35.35 -18.73
O4 NAG J . 14.34 -33.03 -18.43
O5 NAG J . 11.62 -31.80 -20.55
O6 NAG J . 14.25 -31.28 -21.45
O7 NAG J . 9.59 -33.82 -17.43
C1 NAG K . 2.54 -61.55 -22.94
C2 NAG K . 2.99 -63.00 -23.19
C3 NAG K . 2.11 -63.62 -24.27
C4 NAG K . 0.65 -63.55 -23.86
C5 NAG K . 0.28 -62.09 -23.58
C6 NAG K . -1.13 -61.92 -23.07
C7 NAG K . 5.36 -63.51 -22.80
C8 NAG K . 4.93 -64.00 -21.45
N2 NAG K . 4.39 -63.04 -23.59
O3 NAG K . 2.49 -64.99 -24.46
O4 NAG K . -0.18 -64.05 -24.89
O5 NAG K . 1.15 -61.55 -22.57
O6 NAG K . -2.08 -62.18 -24.10
O7 NAG K . 6.53 -63.54 -23.16
#